data_3VW5
#
_entry.id   3VW5
#
_cell.length_a   98.930
_cell.length_b   100.880
_cell.length_c   186.000
_cell.angle_alpha   90.00
_cell.angle_beta   90.00
_cell.angle_gamma   90.00
#
_symmetry.space_group_name_H-M   'P 21 21 21'
#
loop_
_entity.id
_entity.type
_entity.pdbx_description
1 polymer 'Cellobiose 2-epimerase'
2 water water
#
_entity_poly.entity_id   1
_entity_poly.type   'polypeptide(L)'
_entity_poly.pdbx_seq_one_letter_code
;MMISEIRQELTDHIIPFWNKLRDDENGGFYGYLSYGLELDKKADKGVILHSRILWFYSNAYMTLGGDELLDNAKHAYEFI
KNNCIDYEYGGVYWMMDFEGKPADTMKHTYNIAFAIYALSSYYRASGDKEALALAYRLFEDIEKNTLYEYGYREAFDRQW
RLVDNEALSENGLKADKTMNAILHLIEAYTELYKADGNEKVADRLKFQLGQMRDIVYTPDTNALKVFFDTAFNLVGDIHS
YGHDIEATWLMDRACDVLGDEDLKKQFAEMDLKISHNIQDIALEDGALNNERDKNEIDKTRVWWVQAEAVVGFINAYQHS
GDEKFLESAKSVWENIKEYIIDKREGGEWYSEVTFDHTPHDYKETVGPWKCPYHNGRMCMEVITRGVDI
;
_entity_poly.pdbx_strand_id   A,B,C
#
# COMPACT_ATOMS: atom_id res chain seq x y z
N MET A 1 -53.17 -3.01 -8.79
CA MET A 1 -52.45 -3.76 -7.76
C MET A 1 -51.16 -3.04 -7.36
N MET A 2 -50.32 -3.72 -6.58
CA MET A 2 -49.13 -3.08 -6.01
C MET A 2 -48.16 -2.45 -7.03
N ILE A 3 -47.81 -3.17 -8.10
CA ILE A 3 -46.84 -2.64 -9.05
C ILE A 3 -47.34 -1.38 -9.73
N SER A 4 -48.61 -1.39 -10.11
CA SER A 4 -49.18 -0.27 -10.84
C SER A 4 -49.17 1.01 -9.99
N GLU A 5 -49.48 0.84 -8.70
CA GLU A 5 -49.51 1.96 -7.76
C GLU A 5 -48.12 2.54 -7.54
N ILE A 6 -47.14 1.65 -7.34
CA ILE A 6 -45.79 2.07 -7.06
C ILE A 6 -45.19 2.78 -8.29
N ARG A 7 -45.47 2.25 -9.47
CA ARG A 7 -44.99 2.84 -10.71
C ARG A 7 -45.53 4.27 -10.83
N GLN A 8 -46.75 4.47 -10.36
CA GLN A 8 -47.40 5.77 -10.37
C GLN A 8 -46.74 6.74 -9.39
N GLU A 9 -46.42 6.22 -8.20
CA GLU A 9 -45.74 7.00 -7.18
C GLU A 9 -44.37 7.48 -7.70
N LEU A 10 -43.68 6.60 -8.39
CA LEU A 10 -42.41 6.97 -9.01
C LEU A 10 -42.60 8.03 -10.10
N THR A 11 -43.48 7.76 -11.07
CA THR A 11 -43.61 8.64 -12.24
C THR A 11 -44.40 9.93 -12.02
N ASP A 12 -45.39 9.92 -11.13
CA ASP A 12 -46.25 11.10 -10.98
C ASP A 12 -45.94 11.92 -9.74
N HIS A 13 -45.25 11.31 -8.78
CA HIS A 13 -44.96 12.01 -7.52
C HIS A 13 -43.46 12.27 -7.30
N ILE A 14 -42.69 11.20 -7.27
CA ILE A 14 -41.26 11.30 -6.94
C ILE A 14 -40.44 12.06 -7.99
N ILE A 15 -40.50 11.61 -9.24
CA ILE A 15 -39.70 12.23 -10.29
C ILE A 15 -40.03 13.73 -10.47
N PRO A 16 -41.32 14.05 -10.62
CA PRO A 16 -41.68 15.47 -10.72
C PRO A 16 -41.13 16.30 -9.54
N PHE A 17 -41.20 15.76 -8.32
CA PHE A 17 -40.67 16.47 -7.16
C PHE A 17 -39.18 16.74 -7.32
N TRP A 18 -38.40 15.70 -7.57
CA TRP A 18 -36.96 15.90 -7.67
C TRP A 18 -36.58 16.79 -8.85
N ASN A 19 -37.24 16.61 -9.99
CA ASN A 19 -37.01 17.46 -11.15
C ASN A 19 -37.00 18.95 -10.80
N LYS A 20 -37.85 19.34 -9.85
CA LYS A 20 -37.95 20.75 -9.48
C LYS A 20 -36.78 21.22 -8.65
N LEU A 21 -35.93 20.30 -8.22
CA LEU A 21 -34.80 20.65 -7.37
C LEU A 21 -33.51 20.82 -8.15
N ARG A 22 -33.59 20.68 -9.46
CA ARG A 22 -32.44 20.97 -10.33
C ARG A 22 -32.00 22.42 -10.18
N ASP A 23 -30.70 22.62 -9.96
CA ASP A 23 -30.11 23.95 -9.87
C ASP A 23 -29.31 24.26 -11.15
N ASP A 24 -29.93 24.96 -12.09
CA ASP A 24 -29.25 25.34 -13.32
C ASP A 24 -28.45 26.63 -13.12
N GLU A 25 -28.64 27.30 -12.01
CA GLU A 25 -27.91 28.53 -11.70
C GLU A 25 -26.51 28.28 -11.12
N ASN A 26 -26.44 27.44 -10.09
CA ASN A 26 -25.15 27.12 -9.51
C ASN A 26 -24.70 25.67 -9.71
N GLY A 27 -25.45 24.91 -10.51
CA GLY A 27 -25.07 23.54 -10.82
C GLY A 27 -25.57 22.54 -9.82
N GLY A 28 -25.76 21.30 -10.25
CA GLY A 28 -26.24 20.27 -9.35
C GLY A 28 -27.67 20.51 -8.91
N PHE A 29 -28.01 20.03 -7.71
CA PHE A 29 -29.34 20.21 -7.13
C PHE A 29 -29.30 20.95 -5.79
N TYR A 30 -30.39 21.63 -5.43
CA TYR A 30 -30.46 22.33 -4.15
C TYR A 30 -30.26 21.36 -2.97
N GLY A 31 -29.61 21.85 -1.91
CA GLY A 31 -29.15 20.98 -0.85
C GLY A 31 -30.12 20.79 0.31
N TYR A 32 -31.15 21.63 0.42
CA TYR A 32 -32.01 21.58 1.60
C TYR A 32 -33.45 21.98 1.34
N LEU A 33 -34.37 21.07 1.66
CA LEU A 33 -35.79 21.36 1.70
C LEU A 33 -36.31 20.95 3.08
N SER A 34 -36.66 21.94 3.90
CA SER A 34 -37.15 21.71 5.25
C SER A 34 -38.44 20.89 5.34
N TYR A 35 -38.75 20.41 6.55
CA TYR A 35 -40.00 19.72 6.83
C TYR A 35 -41.20 20.56 6.41
N GLY A 36 -41.16 21.85 6.77
CA GLY A 36 -42.20 22.79 6.38
C GLY A 36 -42.18 23.20 4.91
N LEU A 37 -41.35 22.50 4.13
CA LEU A 37 -41.27 22.68 2.67
C LEU A 37 -40.72 24.04 2.25
N GLU A 38 -39.93 24.66 3.13
CA GLU A 38 -39.17 25.87 2.81
C GLU A 38 -37.81 25.47 2.21
N LEU A 39 -37.52 25.97 1.02
CA LEU A 39 -36.32 25.63 0.28
C LEU A 39 -35.16 26.61 0.50
N ASP A 40 -33.96 26.11 0.78
CA ASP A 40 -32.77 26.96 0.88
C ASP A 40 -31.84 26.73 -0.29
N LYS A 41 -32.04 27.48 -1.36
CA LYS A 41 -31.23 27.32 -2.58
C LYS A 41 -29.75 27.55 -2.29
N LYS A 42 -29.47 28.24 -1.19
CA LYS A 42 -28.10 28.58 -0.84
C LYS A 42 -27.48 27.62 0.18
N ALA A 43 -28.18 26.54 0.52
CA ALA A 43 -27.65 25.56 1.47
C ALA A 43 -26.47 24.79 0.88
N ASP A 44 -25.64 24.22 1.74
CA ASP A 44 -24.55 23.37 1.30
C ASP A 44 -25.08 22.12 0.60
N LYS A 45 -24.36 21.67 -0.42
CA LYS A 45 -24.76 20.52 -1.21
C LYS A 45 -23.86 19.32 -0.92
N GLY A 46 -24.42 18.29 -0.28
CA GLY A 46 -23.66 17.11 0.11
C GLY A 46 -23.38 16.23 -1.09
N VAL A 47 -22.20 15.62 -1.11
CA VAL A 47 -21.84 14.83 -2.28
C VAL A 47 -22.51 13.45 -2.30
N ILE A 48 -22.74 12.87 -1.13
CA ILE A 48 -23.57 11.65 -1.08
C ILE A 48 -24.97 11.89 -1.65
N LEU A 49 -25.50 13.08 -1.43
CA LEU A 49 -26.79 13.46 -1.95
C LEU A 49 -26.75 13.49 -3.48
N HIS A 50 -25.70 14.12 -4.04
CA HIS A 50 -25.56 14.19 -5.48
C HIS A 50 -25.28 12.84 -6.12
N SER A 51 -24.51 12.00 -5.46
CA SER A 51 -24.29 10.69 -6.03
C SER A 51 -25.60 9.91 -6.06
N ARG A 52 -26.41 10.07 -5.03
CA ARG A 52 -27.68 9.35 -4.96
C ARG A 52 -28.69 9.85 -6.01
N ILE A 53 -28.69 11.15 -6.23
CA ILE A 53 -29.47 11.72 -7.31
C ILE A 53 -28.97 11.17 -8.66
N LEU A 54 -27.66 11.23 -8.88
CA LEU A 54 -27.03 10.67 -10.09
C LEU A 54 -27.44 9.21 -10.26
N TRP A 55 -27.30 8.42 -9.21
CA TRP A 55 -27.72 7.03 -9.31
C TRP A 55 -29.20 6.94 -9.71
N PHE A 56 -30.01 7.81 -9.10
CA PHE A 56 -31.44 7.74 -9.27
C PHE A 56 -31.89 8.07 -10.68
N TYR A 57 -31.40 9.17 -11.22
CA TYR A 57 -31.79 9.53 -12.56
C TYR A 57 -31.25 8.53 -13.57
N SER A 58 -29.99 8.15 -13.41
CA SER A 58 -29.42 7.15 -14.30
C SER A 58 -30.32 5.91 -14.35
N ASN A 59 -30.79 5.45 -13.20
CA ASN A 59 -31.61 4.24 -13.15
C ASN A 59 -33.07 4.42 -13.56
N ALA A 60 -33.59 5.62 -13.32
CA ALA A 60 -34.95 5.94 -13.71
C ALA A 60 -34.99 5.98 -15.25
N TYR A 61 -33.92 6.51 -15.82
CA TYR A 61 -33.85 6.56 -17.27
C TYR A 61 -33.80 5.13 -17.85
N MET A 62 -32.97 4.27 -17.27
CA MET A 62 -32.86 2.90 -17.73
C MET A 62 -34.14 2.09 -17.51
N THR A 63 -35.07 2.61 -16.73
CA THR A 63 -36.25 1.83 -16.39
C THR A 63 -37.50 2.29 -17.16
N LEU A 64 -37.60 3.60 -17.32
CA LEU A 64 -38.79 4.19 -17.90
C LEU A 64 -38.49 4.84 -19.25
N GLY A 65 -37.21 5.16 -19.48
CA GLY A 65 -36.83 5.95 -20.63
C GLY A 65 -37.26 7.39 -20.41
N GLY A 66 -36.95 8.24 -21.38
CA GLY A 66 -37.29 9.65 -21.27
C GLY A 66 -36.05 10.50 -21.18
N ASP A 67 -35.65 11.07 -22.31
CA ASP A 67 -34.47 11.93 -22.36
C ASP A 67 -34.33 12.86 -21.16
N GLU A 68 -35.45 13.38 -20.67
CA GLU A 68 -35.41 14.28 -19.54
C GLU A 68 -34.65 13.65 -18.38
N LEU A 69 -34.90 12.38 -18.11
CA LEU A 69 -34.26 11.71 -16.99
C LEU A 69 -32.75 11.62 -17.15
N LEU A 70 -32.31 11.27 -18.36
CA LEU A 70 -30.88 11.22 -18.65
C LEU A 70 -30.23 12.60 -18.63
N ASP A 71 -30.98 13.62 -19.01
CA ASP A 71 -30.44 14.98 -18.96
C ASP A 71 -30.19 15.43 -17.51
N ASN A 72 -31.12 15.09 -16.62
CA ASN A 72 -30.96 15.34 -15.18
C ASN A 72 -29.82 14.53 -14.55
N ALA A 73 -29.75 13.25 -14.91
CA ALA A 73 -28.59 12.45 -14.56
C ALA A 73 -27.33 13.20 -14.97
N LYS A 74 -27.25 13.57 -16.24
CA LYS A 74 -26.05 14.25 -16.72
C LYS A 74 -25.75 15.54 -15.95
N HIS A 75 -26.79 16.26 -15.54
CA HIS A 75 -26.61 17.52 -14.79
C HIS A 75 -25.92 17.26 -13.48
N ALA A 76 -26.35 16.23 -12.78
CA ALA A 76 -25.75 15.82 -11.51
C ALA A 76 -24.33 15.28 -11.70
N TYR A 77 -24.17 14.39 -12.68
CA TYR A 77 -22.84 13.90 -13.07
C TYR A 77 -21.83 15.04 -13.23
N GLU A 78 -22.20 16.07 -13.98
CA GLU A 78 -21.26 17.15 -14.22
C GLU A 78 -20.85 17.79 -12.89
N PHE A 79 -21.82 17.96 -12.01
CA PHE A 79 -21.53 18.57 -10.73
C PHE A 79 -20.49 17.74 -9.96
N ILE A 80 -20.63 16.41 -9.99
CA ILE A 80 -19.73 15.53 -9.26
C ILE A 80 -18.32 15.56 -9.84
N LYS A 81 -18.23 15.25 -11.14
CA LYS A 81 -16.97 15.28 -11.88
C LYS A 81 -16.21 16.60 -11.71
N ASN A 82 -16.89 17.72 -11.86
CA ASN A 82 -16.22 19.01 -11.87
C ASN A 82 -15.96 19.65 -10.51
N ASN A 83 -16.59 19.14 -9.45
CA ASN A 83 -16.41 19.77 -8.14
C ASN A 83 -16.11 18.78 -7.03
N CYS A 84 -16.70 17.59 -7.13
CA CYS A 84 -16.80 16.74 -5.95
C CYS A 84 -15.65 15.75 -5.81
N ILE A 85 -14.86 15.65 -6.86
CA ILE A 85 -13.77 14.69 -6.91
C ILE A 85 -12.45 15.37 -6.56
N ASP A 86 -11.69 14.76 -5.64
CA ASP A 86 -10.37 15.25 -5.30
C ASP A 86 -9.37 14.54 -6.23
N TYR A 87 -9.00 15.21 -7.32
CA TYR A 87 -8.16 14.61 -8.33
C TYR A 87 -6.74 14.49 -7.82
N GLU A 88 -6.37 15.43 -6.96
CA GLU A 88 -5.03 15.49 -6.40
C GLU A 88 -4.74 14.39 -5.36
N TYR A 89 -5.60 14.23 -4.35
CA TYR A 89 -5.37 13.21 -3.34
C TYR A 89 -6.18 11.94 -3.60
N GLY A 90 -7.24 12.06 -4.39
CA GLY A 90 -8.14 10.93 -4.59
C GLY A 90 -9.47 11.02 -3.84
N GLY A 91 -10.40 10.14 -4.18
CA GLY A 91 -11.70 10.14 -3.53
C GLY A 91 -12.58 11.34 -3.88
N VAL A 92 -13.62 11.52 -3.06
CA VAL A 92 -14.54 12.62 -3.21
C VAL A 92 -14.69 13.33 -1.87
N TYR A 93 -15.00 14.62 -1.89
CA TYR A 93 -15.20 15.37 -0.64
C TYR A 93 -16.52 14.99 0.03
N TRP A 94 -16.77 15.58 1.19
CA TRP A 94 -17.99 15.28 1.94
C TRP A 94 -19.13 16.28 1.64
N MET A 95 -18.76 17.56 1.57
CA MET A 95 -19.74 18.63 1.50
C MET A 95 -19.22 19.76 0.63
N MET A 96 -20.04 20.22 -0.29
CA MET A 96 -19.71 21.40 -1.08
C MET A 96 -20.59 22.54 -0.56
N ASP A 97 -20.26 23.78 -0.88
CA ASP A 97 -21.21 24.87 -0.65
C ASP A 97 -22.15 24.96 -1.86
N PHE A 98 -23.09 25.90 -1.85
CA PHE A 98 -24.08 25.96 -2.94
C PHE A 98 -23.45 26.27 -4.29
N GLU A 99 -22.24 26.81 -4.25
CA GLU A 99 -21.52 27.12 -5.48
C GLU A 99 -20.63 26.00 -5.98
N GLY A 100 -20.44 24.97 -5.15
CA GLY A 100 -19.62 23.83 -5.55
C GLY A 100 -18.18 23.96 -5.13
N LYS A 101 -17.92 24.83 -4.15
CA LYS A 101 -16.61 24.87 -3.50
C LYS A 101 -16.59 23.90 -2.34
N PRO A 102 -15.43 23.26 -2.13
CA PRO A 102 -15.31 22.29 -1.03
C PRO A 102 -15.55 22.92 0.34
N ALA A 103 -16.58 22.44 1.05
CA ALA A 103 -16.93 22.95 2.37
C ALA A 103 -16.45 22.02 3.50
N ASP A 104 -16.45 20.72 3.22
CA ASP A 104 -15.86 19.73 4.11
C ASP A 104 -15.11 18.70 3.26
N THR A 105 -13.80 18.64 3.44
CA THR A 105 -12.94 17.84 2.56
C THR A 105 -12.57 16.48 3.12
N MET A 106 -13.20 16.11 4.24
CA MET A 106 -13.06 14.80 4.86
C MET A 106 -13.34 13.67 3.87
N LYS A 107 -12.52 12.63 3.88
CA LYS A 107 -12.70 11.49 2.98
C LYS A 107 -13.38 10.35 3.73
N HIS A 108 -14.42 9.79 3.14
CA HIS A 108 -15.14 8.69 3.77
C HIS A 108 -15.38 7.53 2.80
N THR A 109 -14.84 6.38 3.16
CA THR A 109 -15.02 5.17 2.37
C THR A 109 -16.46 5.01 1.88
N TYR A 110 -17.40 5.24 2.78
CA TYR A 110 -18.82 5.08 2.50
C TYR A 110 -19.29 6.05 1.41
N ASN A 111 -18.83 7.30 1.49
CA ASN A 111 -19.15 8.33 0.52
C ASN A 111 -18.54 8.00 -0.83
N ILE A 112 -17.25 7.66 -0.84
CA ILE A 112 -16.56 7.27 -2.09
C ILE A 112 -17.19 6.04 -2.78
N ALA A 113 -17.63 5.07 -1.98
CA ALA A 113 -18.28 3.89 -2.56
C ALA A 113 -19.51 4.34 -3.34
N PHE A 114 -20.24 5.32 -2.81
CA PHE A 114 -21.49 5.73 -3.43
C PHE A 114 -21.23 6.41 -4.76
N ALA A 115 -20.27 7.33 -4.78
CA ALA A 115 -19.78 7.91 -6.04
C ALA A 115 -19.55 6.81 -7.09
N ILE A 116 -18.83 5.75 -6.71
CA ILE A 116 -18.62 4.62 -7.61
C ILE A 116 -19.93 4.00 -8.10
N TYR A 117 -20.86 3.79 -7.18
CA TYR A 117 -22.17 3.21 -7.48
C TYR A 117 -22.92 4.03 -8.54
N ALA A 118 -22.98 5.34 -8.31
CA ALA A 118 -23.62 6.30 -9.20
C ALA A 118 -22.91 6.39 -10.57
N LEU A 119 -21.59 6.58 -10.57
CA LEU A 119 -20.84 6.70 -11.81
C LEU A 119 -21.00 5.45 -12.65
N SER A 120 -20.94 4.28 -12.01
CA SER A 120 -21.08 3.02 -12.74
C SER A 120 -22.42 3.01 -13.43
N SER A 121 -23.43 3.43 -12.70
CA SER A 121 -24.79 3.42 -13.20
C SER A 121 -24.96 4.41 -14.35
N TYR A 122 -24.31 5.55 -14.26
CA TYR A 122 -24.44 6.58 -15.27
C TYR A 122 -23.79 6.09 -16.55
N TYR A 123 -22.67 5.38 -16.41
CA TYR A 123 -22.05 4.72 -17.56
C TYR A 123 -23.01 3.70 -18.19
N ARG A 124 -23.59 2.80 -17.39
CA ARG A 124 -24.55 1.85 -17.94
C ARG A 124 -25.70 2.58 -18.61
N ALA A 125 -25.88 3.84 -18.24
CA ALA A 125 -27.00 4.60 -18.72
C ALA A 125 -26.68 5.32 -20.04
N SER A 126 -25.47 5.87 -20.16
CA SER A 126 -25.21 6.94 -21.11
C SER A 126 -24.51 6.66 -22.47
N GLY A 127 -23.62 5.67 -22.60
CA GLY A 127 -22.72 5.24 -21.57
C GLY A 127 -21.43 5.96 -21.91
N ASP A 128 -21.27 7.15 -21.35
CA ASP A 128 -20.06 7.94 -21.38
C ASP A 128 -18.91 7.17 -20.71
N LYS A 129 -17.88 6.86 -21.48
CA LYS A 129 -16.77 6.05 -20.99
C LYS A 129 -15.88 6.78 -19.97
N GLU A 130 -16.07 8.08 -19.87
CA GLU A 130 -15.28 8.88 -18.93
C GLU A 130 -15.85 8.69 -17.52
N ALA A 131 -17.16 8.43 -17.46
CA ALA A 131 -17.82 8.09 -16.20
C ALA A 131 -17.29 6.76 -15.64
N LEU A 132 -17.05 5.79 -16.51
CA LEU A 132 -16.46 4.51 -16.11
C LEU A 132 -15.01 4.65 -15.64
N ALA A 133 -14.23 5.44 -16.38
CA ALA A 133 -12.89 5.79 -15.93
C ALA A 133 -12.91 6.40 -14.49
N LEU A 134 -13.77 7.38 -14.25
CA LEU A 134 -13.87 7.98 -12.94
C LEU A 134 -14.23 6.92 -11.90
N ALA A 135 -15.11 6.01 -12.28
CA ALA A 135 -15.49 4.93 -11.38
C ALA A 135 -14.26 4.12 -10.96
N TYR A 136 -13.46 3.71 -11.95
CA TYR A 136 -12.26 2.93 -11.65
C TYR A 136 -11.27 3.77 -10.89
N ARG A 137 -11.17 5.05 -11.24
CA ARG A 137 -10.28 5.95 -10.54
C ARG A 137 -10.56 5.93 -9.03
N LEU A 138 -11.85 5.96 -8.68
CA LEU A 138 -12.26 6.00 -7.27
C LEU A 138 -12.15 4.62 -6.60
N PHE A 139 -12.47 3.57 -7.34
CA PHE A 139 -12.16 2.22 -6.90
C PHE A 139 -10.67 2.09 -6.51
N GLU A 140 -9.77 2.59 -7.36
CA GLU A 140 -8.35 2.54 -7.05
C GLU A 140 -8.00 3.33 -5.80
N ASP A 141 -8.59 4.51 -5.66
CA ASP A 141 -8.37 5.35 -4.50
C ASP A 141 -8.80 4.66 -3.21
N ILE A 142 -9.89 3.91 -3.25
CA ILE A 142 -10.38 3.25 -2.04
C ILE A 142 -9.40 2.16 -1.64
N GLU A 143 -8.97 1.39 -2.61
CA GLU A 143 -8.08 0.27 -2.35
C GLU A 143 -6.67 0.73 -1.93
N LYS A 144 -6.21 1.85 -2.49
CA LYS A 144 -4.91 2.39 -2.12
C LYS A 144 -4.89 2.93 -0.69
N ASN A 145 -5.86 3.77 -0.35
CA ASN A 145 -5.78 4.57 0.86
C ASN A 145 -6.60 4.12 2.06
N THR A 146 -7.59 3.26 1.87
CA THR A 146 -8.52 2.94 2.96
C THR A 146 -8.43 1.49 3.41
N LEU A 147 -7.75 0.67 2.63
CA LEU A 147 -7.67 -0.75 2.94
C LEU A 147 -6.47 -1.03 3.83
N TYR A 148 -6.73 -1.56 5.02
CA TYR A 148 -5.67 -2.01 5.90
C TYR A 148 -5.74 -3.53 6.01
N GLU A 149 -4.79 -4.15 6.71
CA GLU A 149 -4.70 -5.62 6.75
C GLU A 149 -5.98 -6.29 7.23
N TYR A 150 -6.68 -5.67 8.18
CA TYR A 150 -7.84 -6.31 8.77
C TYR A 150 -9.12 -5.65 8.25
N GLY A 151 -9.06 -5.13 7.03
CA GLY A 151 -10.23 -4.59 6.36
C GLY A 151 -10.18 -3.08 6.10
N TYR A 152 -11.26 -2.55 5.56
CA TYR A 152 -11.36 -1.14 5.24
C TYR A 152 -11.50 -0.27 6.47
N ARG A 153 -10.79 0.86 6.50
CA ARG A 153 -11.03 1.92 7.47
C ARG A 153 -11.91 3.00 6.84
N GLU A 154 -12.62 3.77 7.67
CA GLU A 154 -13.75 4.54 7.16
C GLU A 154 -13.66 6.07 7.05
N ALA A 155 -12.92 6.71 7.95
CA ALA A 155 -12.93 8.17 7.98
C ALA A 155 -11.54 8.79 8.01
N PHE A 156 -11.30 9.74 7.12
CA PHE A 156 -9.99 10.38 6.99
C PHE A 156 -10.21 11.84 6.67
N ASP A 157 -9.17 12.64 6.86
CA ASP A 157 -9.16 14.00 6.33
C ASP A 157 -8.77 13.96 4.87
N ARG A 158 -8.81 15.11 4.21
CA ARG A 158 -8.55 15.16 2.78
C ARG A 158 -7.28 14.38 2.40
N GLN A 159 -6.27 14.51 3.24
CA GLN A 159 -4.96 13.94 3.01
C GLN A 159 -4.83 12.49 3.52
N TRP A 160 -5.96 11.84 3.80
CA TRP A 160 -5.96 10.42 4.18
C TRP A 160 -5.33 10.10 5.54
N ARG A 161 -5.23 11.10 6.42
CA ARG A 161 -4.85 10.84 7.80
C ARG A 161 -6.10 10.50 8.60
N LEU A 162 -6.01 9.45 9.40
CA LEU A 162 -7.16 8.95 10.17
C LEU A 162 -7.83 9.97 11.12
N VAL A 163 -9.16 10.01 11.10
CA VAL A 163 -9.96 10.76 12.09
C VAL A 163 -11.12 9.93 12.67
N ASP A 164 -11.87 10.52 13.60
CA ASP A 164 -13.03 9.85 14.20
C ASP A 164 -14.16 9.60 13.20
N ASN A 165 -14.71 8.40 13.23
CA ASN A 165 -15.82 8.04 12.36
C ASN A 165 -17.17 8.58 12.88
N GLU A 166 -17.26 9.89 13.07
CA GLU A 166 -18.53 10.58 13.22
C GLU A 166 -19.23 10.47 11.88
N ALA A 167 -20.54 10.67 11.84
CA ALA A 167 -21.27 10.66 10.56
C ALA A 167 -21.87 9.31 10.21
N LEU A 168 -21.17 8.24 10.60
CA LEU A 168 -21.77 6.91 10.57
C LEU A 168 -22.11 6.43 12.00
N SER A 169 -21.56 7.10 13.00
CA SER A 169 -21.85 6.75 14.39
C SER A 169 -23.30 7.06 14.74
N GLU A 170 -23.84 6.37 15.74
CA GLU A 170 -25.26 6.46 16.08
C GLU A 170 -25.50 7.11 17.43
N ASN A 171 -24.90 6.56 18.48
CA ASN A 171 -24.95 7.24 19.79
C ASN A 171 -23.72 8.14 19.97
N GLY A 172 -22.92 7.83 20.99
CA GLY A 172 -21.62 8.47 21.15
C GLY A 172 -20.50 7.58 20.65
N LEU A 173 -20.88 6.61 19.82
CA LEU A 173 -20.05 5.43 19.50
C LEU A 173 -18.81 5.69 18.64
N LYS A 174 -19.01 6.20 17.43
CA LYS A 174 -17.89 6.55 16.54
C LYS A 174 -16.85 5.41 16.36
N ALA A 175 -17.32 4.17 16.35
CA ALA A 175 -16.49 3.01 16.07
C ALA A 175 -15.63 3.23 14.83
N ASP A 176 -14.55 2.46 14.73
CA ASP A 176 -13.64 2.59 13.61
C ASP A 176 -14.22 1.95 12.36
N LYS A 177 -14.76 0.74 12.51
CA LYS A 177 -15.31 0.03 11.38
C LYS A 177 -16.82 -0.18 11.52
N THR A 178 -17.55 -0.17 10.41
CA THR A 178 -19.00 -0.29 10.44
C THR A 178 -19.51 -1.27 9.38
N MET A 179 -20.64 -1.92 9.65
CA MET A 179 -21.21 -2.82 8.63
C MET A 179 -21.70 -1.97 7.47
N ASN A 180 -22.15 -0.76 7.79
CA ASN A 180 -22.67 0.19 6.83
C ASN A 180 -21.72 0.36 5.64
N ALA A 181 -20.46 0.62 5.94
CA ALA A 181 -19.47 0.82 4.89
C ALA A 181 -19.26 -0.44 4.05
N ILE A 182 -19.18 -1.59 4.71
CA ILE A 182 -18.93 -2.82 3.96
C ILE A 182 -20.07 -3.04 2.96
N LEU A 183 -21.29 -2.93 3.47
CA LEU A 183 -22.50 -3.08 2.67
C LEU A 183 -22.54 -2.16 1.45
N HIS A 184 -22.16 -0.90 1.65
CA HIS A 184 -22.15 0.03 0.52
C HIS A 184 -20.96 -0.11 -0.43
N LEU A 185 -19.87 -0.71 0.04
CA LEU A 185 -18.84 -1.20 -0.88
C LEU A 185 -19.38 -2.37 -1.72
N ILE A 186 -20.04 -3.32 -1.07
CA ILE A 186 -20.67 -4.40 -1.83
C ILE A 186 -21.57 -3.80 -2.92
N GLU A 187 -22.42 -2.86 -2.54
CA GLU A 187 -23.41 -2.27 -3.42
C GLU A 187 -22.75 -1.62 -4.65
N ALA A 188 -21.73 -0.80 -4.40
CA ALA A 188 -20.97 -0.12 -5.47
C ALA A 188 -20.21 -1.09 -6.37
N TYR A 189 -19.43 -1.99 -5.77
CA TYR A 189 -18.60 -2.92 -6.55
C TYR A 189 -19.45 -3.86 -7.38
N THR A 190 -20.59 -4.26 -6.84
CA THR A 190 -21.56 -5.01 -7.61
C THR A 190 -21.88 -4.27 -8.91
N GLU A 191 -22.07 -2.96 -8.82
CA GLU A 191 -22.51 -2.18 -9.96
C GLU A 191 -21.35 -1.96 -10.95
N LEU A 192 -20.14 -1.78 -10.43
CA LEU A 192 -18.95 -1.62 -11.26
C LEU A 192 -18.69 -2.91 -12.01
N TYR A 193 -18.99 -4.04 -11.39
CA TYR A 193 -18.74 -5.32 -12.05
C TYR A 193 -19.81 -5.57 -13.11
N LYS A 194 -21.05 -5.27 -12.76
CA LYS A 194 -22.16 -5.32 -13.71
C LYS A 194 -21.80 -4.50 -14.94
N ALA A 195 -21.21 -3.34 -14.72
CA ALA A 195 -20.91 -2.41 -15.82
C ALA A 195 -19.83 -2.90 -16.78
N ASP A 196 -18.83 -3.63 -16.28
CA ASP A 196 -17.60 -3.82 -17.04
C ASP A 196 -16.81 -5.11 -16.77
N GLY A 197 -17.33 -5.95 -15.88
CA GLY A 197 -16.79 -7.27 -15.60
C GLY A 197 -15.34 -7.44 -15.19
N ASN A 198 -14.68 -6.39 -14.71
CA ASN A 198 -13.28 -6.44 -14.26
C ASN A 198 -13.10 -7.37 -13.07
N GLU A 199 -12.23 -8.37 -13.22
CA GLU A 199 -12.08 -9.41 -12.21
C GLU A 199 -11.36 -8.93 -10.93
N LYS A 200 -10.58 -7.86 -11.04
CA LYS A 200 -9.95 -7.28 -9.87
C LYS A 200 -11.04 -6.75 -8.93
N VAL A 201 -12.08 -6.14 -9.52
CA VAL A 201 -13.22 -5.65 -8.76
C VAL A 201 -14.00 -6.81 -8.10
N ALA A 202 -14.26 -7.87 -8.85
CA ALA A 202 -14.91 -9.03 -8.24
C ALA A 202 -14.12 -9.63 -7.08
N ASP A 203 -12.81 -9.62 -7.16
CA ASP A 203 -12.01 -10.11 -6.03
C ASP A 203 -12.33 -9.35 -4.75
N ARG A 204 -12.27 -8.02 -4.81
CA ARG A 204 -12.55 -7.23 -3.63
C ARG A 204 -13.99 -7.46 -3.15
N LEU A 205 -14.93 -7.46 -4.09
CA LEU A 205 -16.32 -7.78 -3.82
C LEU A 205 -16.47 -9.07 -3.03
N LYS A 206 -15.76 -10.12 -3.43
CA LYS A 206 -15.90 -11.40 -2.76
C LYS A 206 -15.34 -11.31 -1.33
N PHE A 207 -14.29 -10.53 -1.17
CA PHE A 207 -13.74 -10.31 0.14
C PHE A 207 -14.76 -9.58 1.05
N GLN A 208 -15.47 -8.61 0.50
CA GLN A 208 -16.50 -7.92 1.26
C GLN A 208 -17.65 -8.84 1.64
N LEU A 209 -18.12 -9.64 0.68
CA LEU A 209 -19.14 -10.64 0.97
C LEU A 209 -18.68 -11.54 2.12
N GLY A 210 -17.45 -12.05 2.06
CA GLY A 210 -16.92 -12.91 3.10
C GLY A 210 -16.96 -12.28 4.49
N GLN A 211 -16.63 -11.00 4.55
CA GLN A 211 -16.66 -10.28 5.81
C GLN A 211 -18.09 -10.21 6.37
N MET A 212 -19.05 -9.97 5.48
CA MET A 212 -20.44 -10.00 5.89
C MET A 212 -20.81 -11.36 6.47
N ARG A 213 -20.37 -12.44 5.82
CA ARG A 213 -20.71 -13.79 6.27
C ARG A 213 -19.92 -14.22 7.53
N ASP A 214 -18.63 -13.93 7.55
CA ASP A 214 -17.75 -14.43 8.60
C ASP A 214 -17.65 -13.54 9.86
N ILE A 215 -17.82 -12.23 9.70
CA ILE A 215 -17.71 -11.33 10.84
C ILE A 215 -19.03 -10.70 11.27
N VAL A 216 -19.75 -10.11 10.33
CA VAL A 216 -20.87 -9.26 10.72
C VAL A 216 -22.15 -10.04 11.02
N TYR A 217 -22.40 -11.09 10.25
CA TYR A 217 -23.54 -11.98 10.49
C TYR A 217 -23.42 -12.71 11.84
N THR A 218 -24.50 -12.74 12.60
CA THR A 218 -24.51 -13.46 13.86
C THR A 218 -25.40 -14.70 13.71
N PRO A 219 -24.77 -15.87 13.53
CA PRO A 219 -25.52 -17.08 13.18
C PRO A 219 -26.59 -17.52 14.19
N ASP A 220 -26.37 -17.36 15.50
CA ASP A 220 -27.34 -17.90 16.45
C ASP A 220 -28.49 -16.95 16.67
N THR A 221 -28.48 -15.85 15.94
CA THR A 221 -29.44 -14.78 16.14
C THR A 221 -30.04 -14.33 14.81
N ASN A 222 -29.28 -14.56 13.75
CA ASN A 222 -29.59 -14.08 12.40
C ASN A 222 -29.55 -12.57 12.28
N ALA A 223 -28.91 -11.89 13.22
CA ALA A 223 -28.72 -10.45 13.13
C ALA A 223 -27.39 -10.09 12.46
N LEU A 224 -27.29 -8.84 11.99
CA LEU A 224 -26.03 -8.27 11.54
C LEU A 224 -25.50 -7.36 12.62
N LYS A 225 -24.23 -7.50 12.96
CA LYS A 225 -23.62 -6.55 13.87
C LYS A 225 -23.44 -5.21 13.14
N VAL A 226 -23.37 -4.11 13.89
CA VAL A 226 -23.38 -2.79 13.26
C VAL A 226 -22.04 -2.04 13.37
N PHE A 227 -21.49 -1.97 14.58
CA PHE A 227 -20.28 -1.18 14.87
C PHE A 227 -19.14 -2.04 15.43
N PHE A 228 -17.92 -1.73 15.01
CA PHE A 228 -16.75 -2.48 15.43
C PHE A 228 -15.56 -1.57 15.73
N ASP A 229 -14.61 -2.10 16.51
CA ASP A 229 -13.31 -1.47 16.66
C ASP A 229 -12.29 -2.01 15.64
N THR A 230 -11.05 -1.56 15.79
CA THR A 230 -10.01 -1.87 14.82
C THR A 230 -9.67 -3.34 14.81
N ALA A 231 -10.23 -4.08 15.76
CA ALA A 231 -10.04 -5.53 15.87
C ALA A 231 -11.26 -6.32 15.36
N PHE A 232 -12.19 -5.61 14.74
CA PHE A 232 -13.47 -6.20 14.34
C PHE A 232 -14.23 -6.84 15.49
N ASN A 233 -14.07 -6.28 16.68
CA ASN A 233 -14.90 -6.68 17.80
C ASN A 233 -16.05 -5.71 17.98
N LEU A 234 -17.17 -6.25 18.46
CA LEU A 234 -18.39 -5.49 18.63
C LEU A 234 -18.25 -4.29 19.58
N VAL A 235 -18.83 -3.18 19.16
CA VAL A 235 -18.89 -1.94 19.92
C VAL A 235 -20.36 -1.53 20.01
N GLY A 236 -20.85 -1.26 21.21
CA GLY A 236 -22.26 -1.02 21.42
C GLY A 236 -23.08 -2.28 21.17
N ASP A 237 -24.39 -2.13 21.13
CA ASP A 237 -25.26 -3.27 20.92
C ASP A 237 -26.49 -2.83 20.12
N ILE A 238 -26.31 -2.64 18.82
CA ILE A 238 -27.36 -2.10 18.00
C ILE A 238 -27.81 -3.12 16.96
N HIS A 239 -29.12 -3.29 16.85
CA HIS A 239 -29.66 -4.05 15.74
C HIS A 239 -30.47 -3.10 14.84
N SER A 240 -29.91 -2.79 13.67
CA SER A 240 -30.60 -1.91 12.73
C SER A 240 -31.39 -2.76 11.75
N TYR A 241 -32.68 -2.92 12.03
CA TYR A 241 -33.57 -3.70 11.18
C TYR A 241 -33.51 -3.29 9.70
N GLY A 242 -33.41 -1.99 9.45
CA GLY A 242 -33.36 -1.45 8.10
C GLY A 242 -32.17 -1.98 7.32
N HIS A 243 -30.98 -1.85 7.88
CA HIS A 243 -29.79 -2.39 7.22
C HIS A 243 -29.86 -3.90 7.03
N ASP A 244 -30.51 -4.60 7.96
CA ASP A 244 -30.60 -6.04 7.85
C ASP A 244 -31.36 -6.45 6.61
N ILE A 245 -32.58 -5.95 6.48
CA ILE A 245 -33.44 -6.29 5.36
C ILE A 245 -32.86 -5.78 4.02
N GLU A 246 -32.19 -4.64 4.06
CA GLU A 246 -31.51 -4.12 2.87
C GLU A 246 -30.34 -5.00 2.43
N ALA A 247 -29.51 -5.39 3.40
CA ALA A 247 -28.37 -6.25 3.11
C ALA A 247 -28.79 -7.56 2.45
N THR A 248 -29.94 -8.10 2.85
CA THR A 248 -30.37 -9.39 2.29
C THR A 248 -30.49 -9.37 0.77
N TRP A 249 -31.23 -8.40 0.22
CA TRP A 249 -31.39 -8.37 -1.23
C TRP A 249 -30.14 -7.83 -1.96
N LEU A 250 -29.41 -6.94 -1.30
CA LEU A 250 -28.17 -6.40 -1.85
C LEU A 250 -27.13 -7.48 -2.02
N MET A 251 -27.05 -8.40 -1.06
CA MET A 251 -26.06 -9.46 -1.13
C MET A 251 -26.42 -10.52 -2.18
N ASP A 252 -27.71 -10.84 -2.31
CA ASP A 252 -28.19 -11.73 -3.36
C ASP A 252 -27.88 -11.11 -4.70
N ARG A 253 -28.13 -9.81 -4.81
CA ARG A 253 -27.84 -9.06 -6.02
C ARG A 253 -26.37 -9.26 -6.39
N ALA A 254 -25.48 -9.04 -5.43
CA ALA A 254 -24.04 -9.22 -5.64
C ALA A 254 -23.70 -10.63 -6.16
N CYS A 255 -24.29 -11.66 -5.54
CA CYS A 255 -24.02 -13.04 -5.90
C CYS A 255 -24.55 -13.38 -7.28
N ASP A 256 -25.67 -12.76 -7.67
CA ASP A 256 -26.26 -13.00 -8.99
C ASP A 256 -25.42 -12.35 -10.08
N VAL A 257 -24.90 -11.17 -9.78
CA VAL A 257 -24.07 -10.45 -10.73
C VAL A 257 -22.70 -11.13 -10.92
N LEU A 258 -22.20 -11.77 -9.87
CA LEU A 258 -20.98 -12.55 -9.98
C LEU A 258 -21.25 -13.85 -10.73
N GLY A 259 -22.41 -14.42 -10.47
CA GLY A 259 -22.83 -15.63 -11.14
C GLY A 259 -22.15 -16.89 -10.64
N ASP A 260 -21.58 -16.83 -9.44
CA ASP A 260 -21.06 -18.03 -8.77
C ASP A 260 -22.19 -18.71 -8.02
N GLU A 261 -22.54 -19.92 -8.46
CA GLU A 261 -23.69 -20.66 -7.95
C GLU A 261 -23.51 -21.10 -6.51
N ASP A 262 -22.27 -21.35 -6.11
CA ASP A 262 -21.98 -21.72 -4.72
C ASP A 262 -22.19 -20.55 -3.74
N LEU A 263 -21.71 -19.37 -4.11
CA LEU A 263 -22.04 -18.16 -3.35
C LEU A 263 -23.56 -17.94 -3.31
N LYS A 264 -24.19 -17.91 -4.48
CA LYS A 264 -25.63 -17.67 -4.54
C LYS A 264 -26.42 -18.56 -3.58
N LYS A 265 -26.11 -19.86 -3.59
CA LYS A 265 -26.87 -20.79 -2.76
C LYS A 265 -26.54 -20.52 -1.30
N GLN A 266 -25.27 -20.24 -1.04
CA GLN A 266 -24.78 -19.98 0.30
C GLN A 266 -25.46 -18.74 0.84
N PHE A 267 -25.36 -17.66 0.09
CA PHE A 267 -25.92 -16.38 0.51
C PHE A 267 -27.45 -16.36 0.53
N ALA A 268 -28.08 -17.03 -0.42
CA ALA A 268 -29.54 -17.11 -0.44
C ALA A 268 -30.10 -17.76 0.81
N GLU A 269 -29.36 -18.70 1.39
CA GLU A 269 -29.84 -19.34 2.62
C GLU A 269 -29.62 -18.46 3.83
N MET A 270 -28.48 -17.78 3.88
CA MET A 270 -28.20 -16.84 4.97
C MET A 270 -29.18 -15.67 4.92
N ASP A 271 -29.33 -15.08 3.75
CA ASP A 271 -30.22 -13.94 3.56
C ASP A 271 -31.68 -14.24 3.93
N LEU A 272 -32.16 -15.41 3.51
CA LEU A 272 -33.48 -15.87 3.92
C LEU A 272 -33.60 -15.93 5.45
N LYS A 273 -32.56 -16.43 6.11
CA LYS A 273 -32.62 -16.55 7.56
C LYS A 273 -32.78 -15.19 8.18
N ILE A 274 -32.06 -14.21 7.64
CA ILE A 274 -32.15 -12.83 8.10
C ILE A 274 -33.53 -12.27 7.76
N SER A 275 -34.01 -12.57 6.56
CA SER A 275 -35.35 -12.16 6.16
C SER A 275 -36.43 -12.66 7.12
N HIS A 276 -36.38 -13.94 7.45
CA HIS A 276 -37.41 -14.49 8.32
C HIS A 276 -37.35 -13.83 9.66
N ASN A 277 -36.12 -13.65 10.16
CA ASN A 277 -35.93 -12.99 11.44
C ASN A 277 -36.56 -11.60 11.50
N ILE A 278 -36.25 -10.77 10.49
CA ILE A 278 -36.76 -9.40 10.43
C ILE A 278 -38.30 -9.35 10.37
N GLN A 279 -38.86 -10.23 9.57
CA GLN A 279 -40.32 -10.34 9.44
C GLN A 279 -40.99 -10.70 10.78
N ASP A 280 -40.34 -11.55 11.57
CA ASP A 280 -40.91 -11.98 12.85
C ASP A 280 -40.74 -10.92 13.95
N ILE A 281 -39.65 -10.16 13.86
CA ILE A 281 -39.11 -9.40 14.98
C ILE A 281 -39.31 -7.90 14.85
N ALA A 282 -39.41 -7.44 13.61
CA ALA A 282 -39.38 -6.03 13.33
C ALA A 282 -40.66 -5.53 12.66
N LEU A 283 -41.43 -6.45 12.11
CA LEU A 283 -42.71 -6.07 11.50
C LEU A 283 -43.78 -6.00 12.57
N GLU A 284 -44.41 -4.85 12.71
CA GLU A 284 -45.36 -4.64 13.79
C GLU A 284 -46.38 -3.58 13.39
N ASP A 285 -47.66 -3.93 13.51
CA ASP A 285 -48.73 -3.06 13.09
C ASP A 285 -48.49 -2.73 11.62
N GLY A 286 -47.97 -3.73 10.90
CA GLY A 286 -47.88 -3.68 9.45
C GLY A 286 -46.77 -2.83 8.86
N ALA A 287 -45.88 -2.34 9.72
CA ALA A 287 -44.75 -1.53 9.28
C ALA A 287 -43.47 -2.00 10.01
N LEU A 288 -42.32 -1.62 9.47
CA LEU A 288 -41.04 -2.05 10.03
C LEU A 288 -40.58 -1.09 11.11
N ASN A 289 -40.25 -1.62 12.28
CA ASN A 289 -39.55 -0.81 13.27
C ASN A 289 -38.14 -0.44 12.82
N ASN A 290 -37.57 0.56 13.49
CA ASN A 290 -36.25 1.07 13.15
C ASN A 290 -35.09 0.21 13.67
N GLU A 291 -34.97 0.12 15.00
CA GLU A 291 -33.81 -0.55 15.58
C GLU A 291 -34.02 -0.97 17.02
N ARG A 292 -33.21 -1.93 17.46
CA ARG A 292 -33.01 -2.11 18.89
C ARG A 292 -31.63 -1.55 19.27
N ASP A 293 -31.60 -0.65 20.24
CA ASP A 293 -30.34 -0.21 20.86
C ASP A 293 -30.34 -0.71 22.31
N LYS A 294 -29.54 -1.77 22.56
CA LYS A 294 -29.55 -2.49 23.84
C LYS A 294 -30.95 -2.91 24.30
N ASN A 295 -31.46 -2.25 25.34
CA ASN A 295 -32.72 -2.62 25.98
C ASN A 295 -33.96 -1.95 25.39
N GLU A 296 -33.77 -1.11 24.37
CA GLU A 296 -34.86 -0.26 23.87
C GLU A 296 -35.12 -0.45 22.37
N ILE A 297 -36.40 -0.51 22.01
CA ILE A 297 -36.80 -0.60 20.62
C ILE A 297 -37.28 0.78 20.15
N ASP A 298 -36.71 1.25 19.05
CA ASP A 298 -37.19 2.46 18.40
C ASP A 298 -38.18 2.06 17.32
N LYS A 299 -39.46 2.27 17.57
CA LYS A 299 -40.46 1.83 16.63
C LYS A 299 -40.80 2.90 15.59
N THR A 300 -40.06 4.00 15.61
CA THR A 300 -40.23 5.04 14.61
C THR A 300 -40.15 4.46 13.18
N ARG A 301 -41.08 4.87 12.33
CA ARG A 301 -41.04 4.47 10.93
C ARG A 301 -40.17 5.45 10.14
N VAL A 302 -38.95 5.01 9.83
CA VAL A 302 -38.01 5.76 9.01
C VAL A 302 -38.29 5.40 7.57
N TRP A 303 -38.34 6.40 6.69
CA TRP A 303 -38.84 6.22 5.33
C TRP A 303 -38.01 5.18 4.54
N TRP A 304 -36.68 5.31 4.57
CA TRP A 304 -35.80 4.39 3.83
C TRP A 304 -35.90 2.98 4.35
N VAL A 305 -36.16 2.83 5.64
CA VAL A 305 -36.34 1.51 6.21
C VAL A 305 -37.59 0.83 5.63
N GLN A 306 -38.68 1.58 5.46
CA GLN A 306 -39.91 1.03 4.89
C GLN A 306 -39.64 0.59 3.47
N ALA A 307 -38.99 1.46 2.71
CA ALA A 307 -38.68 1.20 1.32
C ALA A 307 -37.79 -0.05 1.15
N GLU A 308 -36.73 -0.15 1.93
CA GLU A 308 -35.88 -1.34 1.86
C GLU A 308 -36.61 -2.61 2.28
N ALA A 309 -37.55 -2.50 3.22
CA ALA A 309 -38.30 -3.69 3.62
C ALA A 309 -39.20 -4.22 2.49
N VAL A 310 -39.75 -3.31 1.68
CA VAL A 310 -40.55 -3.70 0.52
C VAL A 310 -39.73 -4.57 -0.45
N VAL A 311 -38.57 -4.06 -0.86
CA VAL A 311 -37.68 -4.83 -1.74
C VAL A 311 -37.23 -6.15 -1.10
N GLY A 312 -36.72 -6.09 0.13
CA GLY A 312 -36.15 -7.26 0.78
C GLY A 312 -37.15 -8.38 0.98
N PHE A 313 -38.39 -8.01 1.29
CA PHE A 313 -39.45 -9.00 1.44
C PHE A 313 -39.87 -9.65 0.12
N ILE A 314 -39.90 -8.85 -0.95
CA ILE A 314 -40.22 -9.38 -2.28
C ILE A 314 -39.13 -10.32 -2.72
N ASN A 315 -37.88 -9.88 -2.53
CA ASN A 315 -36.71 -10.71 -2.78
C ASN A 315 -36.74 -12.03 -2.00
N ALA A 316 -37.19 -11.96 -0.75
CA ALA A 316 -37.27 -13.16 0.08
C ALA A 316 -38.32 -14.12 -0.49
N TYR A 317 -39.42 -13.57 -0.97
CA TYR A 317 -40.43 -14.37 -1.66
C TYR A 317 -39.77 -15.04 -2.88
N GLN A 318 -39.15 -14.23 -3.73
CA GLN A 318 -38.50 -14.75 -4.92
C GLN A 318 -37.52 -15.90 -4.67
N HIS A 319 -36.87 -15.90 -3.51
CA HIS A 319 -35.92 -16.95 -3.18
C HIS A 319 -36.53 -18.09 -2.38
N SER A 320 -37.82 -18.01 -2.08
CA SER A 320 -38.41 -18.99 -1.16
C SER A 320 -39.77 -19.56 -1.56
N GLY A 321 -40.57 -18.79 -2.29
CA GLY A 321 -41.93 -19.15 -2.62
C GLY A 321 -42.93 -18.93 -1.49
N ASP A 322 -42.45 -18.48 -0.33
CA ASP A 322 -43.33 -18.20 0.81
C ASP A 322 -44.14 -16.92 0.62
N GLU A 323 -45.45 -17.03 0.67
CA GLU A 323 -46.32 -15.92 0.30
C GLU A 323 -46.46 -14.88 1.40
N LYS A 324 -46.15 -15.28 2.63
CA LYS A 324 -46.25 -14.35 3.73
C LYS A 324 -45.27 -13.18 3.56
N PHE A 325 -44.18 -13.42 2.83
CA PHE A 325 -43.22 -12.35 2.52
C PHE A 325 -43.87 -11.29 1.63
N LEU A 326 -44.62 -11.79 0.66
CA LEU A 326 -45.41 -10.96 -0.26
C LEU A 326 -46.43 -10.10 0.48
N GLU A 327 -47.21 -10.73 1.36
CA GLU A 327 -48.17 -10.00 2.18
C GLU A 327 -47.47 -8.92 3.00
N SER A 328 -46.34 -9.25 3.62
CA SER A 328 -45.59 -8.26 4.37
C SER A 328 -45.20 -7.07 3.49
N ALA A 329 -44.69 -7.36 2.29
CA ALA A 329 -44.37 -6.32 1.33
C ALA A 329 -45.57 -5.38 1.14
N LYS A 330 -46.73 -5.96 0.85
CA LYS A 330 -47.96 -5.19 0.63
C LYS A 330 -48.28 -4.34 1.86
N SER A 331 -48.13 -4.96 3.02
CA SER A 331 -48.43 -4.32 4.27
C SER A 331 -47.56 -3.07 4.43
N VAL A 332 -46.26 -3.22 4.23
CA VAL A 332 -45.35 -2.09 4.38
C VAL A 332 -45.70 -1.01 3.37
N TRP A 333 -45.93 -1.43 2.13
CA TRP A 333 -46.35 -0.47 1.11
C TRP A 333 -47.67 0.24 1.45
N GLU A 334 -48.67 -0.54 1.85
CA GLU A 334 -49.96 0.04 2.25
C GLU A 334 -49.74 1.14 3.28
N ASN A 335 -48.82 0.89 4.22
CA ASN A 335 -48.56 1.87 5.28
C ASN A 335 -47.66 3.03 4.85
N ILE A 336 -46.81 2.80 3.86
CA ILE A 336 -46.10 3.91 3.22
C ILE A 336 -47.13 4.90 2.64
N LYS A 337 -48.15 4.38 1.95
CA LYS A 337 -49.18 5.23 1.34
C LYS A 337 -49.94 6.04 2.40
N GLU A 338 -50.41 5.35 3.43
CA GLU A 338 -51.26 5.99 4.42
C GLU A 338 -50.52 7.05 5.24
N TYR A 339 -49.28 6.76 5.60
CA TYR A 339 -48.59 7.52 6.65
C TYR A 339 -47.27 8.14 6.29
N ILE A 340 -46.61 7.64 5.24
CA ILE A 340 -45.27 8.09 4.93
C ILE A 340 -45.21 9.06 3.74
N ILE A 341 -46.04 8.82 2.75
CA ILE A 341 -46.13 9.68 1.57
C ILE A 341 -46.82 11.01 1.92
N ASP A 342 -46.17 12.11 1.58
CA ASP A 342 -46.70 13.46 1.83
C ASP A 342 -47.80 13.81 0.83
N LYS A 343 -48.93 14.33 1.32
CA LYS A 343 -50.03 14.79 0.48
C LYS A 343 -50.05 16.32 0.34
N ARG A 344 -49.15 16.99 1.05
CA ARG A 344 -48.98 18.42 0.88
C ARG A 344 -48.39 18.75 -0.49
N GLU A 345 -48.69 19.94 -1.00
CA GLU A 345 -47.94 20.47 -2.13
C GLU A 345 -46.69 21.15 -1.59
N GLY A 346 -45.58 21.01 -2.28
CA GLY A 346 -45.30 19.87 -3.10
C GLY A 346 -44.18 19.24 -2.27
N GLY A 347 -44.55 18.25 -1.46
CA GLY A 347 -43.57 17.47 -0.74
C GLY A 347 -43.52 16.09 -1.37
N GLU A 348 -42.72 15.18 -0.79
CA GLU A 348 -42.65 13.83 -1.32
C GLU A 348 -42.92 12.74 -0.28
N TRP A 349 -41.90 12.31 0.42
CA TRP A 349 -42.09 11.37 1.53
C TRP A 349 -41.62 12.04 2.81
N TYR A 350 -42.37 11.87 3.90
CA TYR A 350 -41.87 12.27 5.20
C TYR A 350 -40.66 11.42 5.58
N SER A 351 -39.68 12.07 6.19
CA SER A 351 -38.50 11.40 6.73
C SER A 351 -38.81 10.35 7.81
N GLU A 352 -39.54 10.77 8.86
CA GLU A 352 -39.80 9.92 10.02
C GLU A 352 -41.22 10.06 10.57
N VAL A 353 -41.92 8.93 10.72
CA VAL A 353 -43.24 8.96 11.32
C VAL A 353 -43.32 7.99 12.49
N THR A 354 -43.84 8.47 13.63
CA THR A 354 -43.99 7.68 14.86
C THR A 354 -44.92 6.48 14.68
N PHE A 355 -44.82 5.53 15.61
CA PHE A 355 -45.67 4.35 15.64
C PHE A 355 -47.15 4.74 15.67
N ASP A 356 -47.42 5.93 16.21
CA ASP A 356 -48.76 6.48 16.32
C ASP A 356 -49.12 7.45 15.20
N HIS A 357 -48.25 7.53 14.20
CA HIS A 357 -48.59 8.06 12.88
C HIS A 357 -48.47 9.56 12.77
N THR A 358 -47.64 10.17 13.60
CA THR A 358 -47.42 11.59 13.44
C THR A 358 -45.97 11.86 13.05
N PRO A 359 -45.80 12.69 12.01
CA PRO A 359 -44.48 12.95 11.42
C PRO A 359 -43.62 13.72 12.40
N HIS A 360 -42.31 13.46 12.41
CA HIS A 360 -41.35 14.25 13.16
C HIS A 360 -41.14 15.53 12.40
N ASP A 361 -41.67 16.61 12.94
CA ASP A 361 -41.62 17.89 12.23
C ASP A 361 -40.23 18.53 12.26
N TYR A 362 -39.25 17.81 12.76
CA TYR A 362 -37.88 18.34 12.81
C TYR A 362 -36.92 17.65 11.83
N LYS A 363 -37.45 16.76 11.00
CA LYS A 363 -36.64 16.08 10.00
C LYS A 363 -36.93 16.69 8.63
N GLU A 364 -35.89 17.12 7.94
CA GLU A 364 -36.05 17.79 6.64
C GLU A 364 -36.59 16.85 5.55
N THR A 365 -37.21 17.43 4.53
CA THR A 365 -37.71 16.68 3.38
C THR A 365 -36.56 16.27 2.45
N VAL A 366 -35.60 17.17 2.32
CA VAL A 366 -34.41 16.93 1.52
C VAL A 366 -33.20 17.52 2.22
N GLY A 367 -32.13 16.74 2.31
CA GLY A 367 -30.88 17.21 2.89
C GLY A 367 -29.75 16.25 2.61
N PRO A 368 -28.61 16.44 3.30
CA PRO A 368 -27.44 15.59 3.05
C PRO A 368 -27.74 14.11 3.22
N TRP A 369 -28.69 13.76 4.08
CA TRP A 369 -29.00 12.35 4.33
C TRP A 369 -30.34 11.85 3.79
N LYS A 370 -31.12 12.72 3.13
CA LYS A 370 -32.38 12.29 2.52
C LYS A 370 -32.48 12.72 1.05
N CYS A 371 -32.69 11.73 0.18
CA CYS A 371 -32.58 11.87 -1.28
C CYS A 371 -33.58 10.95 -1.99
N PRO A 372 -33.51 10.86 -3.35
CA PRO A 372 -34.48 10.00 -4.05
C PRO A 372 -34.04 8.55 -4.18
N TYR A 373 -32.91 8.20 -3.57
CA TYR A 373 -32.28 6.91 -3.83
C TYR A 373 -33.02 5.71 -3.22
N HIS A 374 -33.22 5.71 -1.90
CA HIS A 374 -33.94 4.62 -1.26
C HIS A 374 -35.36 4.40 -1.81
N ASN A 375 -36.15 5.47 -1.89
CA ASN A 375 -37.53 5.31 -2.30
C ASN A 375 -37.67 5.15 -3.82
N GLY A 376 -36.82 5.87 -4.55
CA GLY A 376 -36.60 5.63 -5.97
C GLY A 376 -36.24 4.17 -6.28
N ARG A 377 -35.24 3.65 -5.58
CA ARG A 377 -34.82 2.28 -5.86
C ARG A 377 -35.95 1.27 -5.64
N MET A 378 -36.73 1.45 -4.58
CA MET A 378 -37.85 0.53 -4.30
C MET A 378 -38.85 0.49 -5.46
N CYS A 379 -39.20 1.67 -5.97
CA CYS A 379 -40.15 1.72 -7.06
C CYS A 379 -39.60 0.93 -8.24
N MET A 380 -38.38 1.23 -8.64
CA MET A 380 -37.74 0.56 -9.77
C MET A 380 -37.55 -0.92 -9.56
N GLU A 381 -37.18 -1.33 -8.35
CA GLU A 381 -36.93 -2.73 -8.09
C GLU A 381 -38.22 -3.53 -8.18
N VAL A 382 -39.32 -2.89 -7.79
CA VAL A 382 -40.63 -3.54 -7.74
C VAL A 382 -41.11 -3.74 -9.16
N ILE A 383 -41.01 -2.65 -9.91
CA ILE A 383 -41.34 -2.65 -11.32
C ILE A 383 -40.57 -3.76 -12.02
N THR A 384 -39.27 -3.78 -11.81
CA THR A 384 -38.36 -4.64 -12.53
C THR A 384 -38.50 -6.13 -12.21
N ARG A 385 -38.86 -6.46 -10.97
CA ARG A 385 -39.02 -7.85 -10.55
C ARG A 385 -40.36 -8.41 -10.99
N GLY A 386 -41.27 -7.52 -11.33
CA GLY A 386 -42.62 -7.87 -11.72
C GLY A 386 -43.34 -8.93 -10.89
N VAL A 387 -43.14 -8.96 -9.59
CA VAL A 387 -44.08 -9.74 -8.78
C VAL A 387 -45.12 -8.83 -8.18
N ASP A 388 -46.39 -9.17 -8.41
CA ASP A 388 -47.51 -8.34 -8.02
C ASP A 388 -48.33 -8.97 -6.89
N ILE A 389 -49.14 -8.14 -6.23
CA ILE A 389 -50.06 -8.62 -5.22
C ILE A 389 -51.13 -7.59 -4.84
N MET B 1 17.10 -24.38 44.62
CA MET B 1 17.95 -24.44 43.43
C MET B 1 17.72 -23.23 42.50
N MET B 2 18.17 -23.35 41.26
CA MET B 2 18.09 -22.23 40.33
C MET B 2 16.69 -21.57 40.24
N ILE B 3 15.65 -22.36 40.06
CA ILE B 3 14.32 -21.79 39.91
C ILE B 3 13.89 -20.95 41.12
N SER B 4 14.20 -21.42 42.32
CA SER B 4 13.73 -20.69 43.49
C SER B 4 14.55 -19.43 43.72
N GLU B 5 15.82 -19.50 43.35
CA GLU B 5 16.72 -18.36 43.42
C GLU B 5 16.26 -17.29 42.45
N ILE B 6 15.94 -17.72 41.23
CA ILE B 6 15.50 -16.76 40.23
C ILE B 6 14.13 -16.22 40.59
N ARG B 7 13.31 -17.05 41.21
CA ARG B 7 11.99 -16.60 41.64
C ARG B 7 12.09 -15.55 42.73
N GLN B 8 13.10 -15.70 43.58
CA GLN B 8 13.31 -14.75 44.67
C GLN B 8 13.77 -13.40 44.13
N GLU B 9 14.77 -13.44 43.26
CA GLU B 9 15.22 -12.26 42.54
C GLU B 9 14.06 -11.46 41.93
N LEU B 10 13.15 -12.16 41.25
CA LEU B 10 11.95 -11.54 40.69
C LEU B 10 11.02 -10.90 41.75
N THR B 11 10.54 -11.69 42.70
CA THR B 11 9.54 -11.22 43.66
C THR B 11 10.07 -10.22 44.67
N ASP B 12 11.33 -10.36 45.04
CA ASP B 12 11.87 -9.66 46.20
C ASP B 12 12.87 -8.54 45.88
N HIS B 13 13.33 -8.49 44.64
CA HIS B 13 14.31 -7.50 44.22
C HIS B 13 13.86 -6.70 42.99
N ILE B 14 13.49 -7.41 41.93
CA ILE B 14 13.15 -6.74 40.68
C ILE B 14 11.82 -6.00 40.74
N ILE B 15 10.77 -6.69 41.16
CA ILE B 15 9.45 -6.07 41.25
C ILE B 15 9.41 -4.87 42.22
N PRO B 16 9.86 -5.07 43.47
CA PRO B 16 9.82 -3.96 44.44
C PRO B 16 10.58 -2.75 43.91
N PHE B 17 11.69 -3.00 43.22
CA PHE B 17 12.46 -1.90 42.66
C PHE B 17 11.66 -1.12 41.62
N TRP B 18 11.02 -1.82 40.67
CA TRP B 18 10.23 -1.14 39.65
C TRP B 18 8.96 -0.54 40.22
N ASN B 19 8.34 -1.27 41.17
CA ASN B 19 7.14 -0.78 41.82
C ASN B 19 7.25 0.66 42.31
N LYS B 20 8.46 1.10 42.61
CA LYS B 20 8.59 2.44 43.16
C LYS B 20 9.11 3.44 42.15
N LEU B 21 9.14 3.01 40.89
CA LEU B 21 9.42 3.94 39.82
C LEU B 21 8.12 4.48 39.22
N ARG B 22 7.00 4.11 39.83
CA ARG B 22 5.72 4.59 39.37
C ARG B 22 5.56 6.10 39.59
N ASP B 23 5.20 6.84 38.53
CA ASP B 23 4.96 8.27 38.60
C ASP B 23 3.46 8.53 38.66
N ASP B 24 2.93 8.70 39.87
CA ASP B 24 1.50 9.00 40.06
C ASP B 24 1.16 10.48 39.93
N GLU B 25 2.17 11.31 39.68
CA GLU B 25 1.95 12.74 39.54
C GLU B 25 1.79 13.10 38.05
N ASN B 26 2.74 12.63 37.23
CA ASN B 26 2.73 12.91 35.81
C ASN B 26 2.44 11.71 34.92
N GLY B 27 2.16 10.57 35.55
CA GLY B 27 1.78 9.40 34.80
C GLY B 27 2.96 8.57 34.34
N GLY B 28 2.70 7.32 33.98
CA GLY B 28 3.75 6.40 33.58
C GLY B 28 4.74 6.11 34.69
N PHE B 29 6.02 6.08 34.32
CA PHE B 29 7.12 5.75 35.23
C PHE B 29 8.26 6.72 34.99
N TYR B 30 9.07 6.99 36.01
CA TYR B 30 10.20 7.91 35.88
C TYR B 30 11.18 7.39 34.82
N GLY B 31 11.81 8.31 34.09
CA GLY B 31 12.56 7.91 32.93
C GLY B 31 14.03 7.63 33.14
N TYR B 32 14.61 8.15 34.22
CA TYR B 32 16.05 8.04 34.41
C TYR B 32 16.45 7.83 35.86
N LEU B 33 17.29 6.83 36.07
CA LEU B 33 17.97 6.59 37.32
C LEU B 33 19.44 6.33 36.99
N SER B 34 20.32 7.22 37.43
CA SER B 34 21.76 7.13 37.12
C SER B 34 22.42 5.86 37.64
N TYR B 35 23.68 5.68 37.24
CA TYR B 35 24.50 4.60 37.76
C TYR B 35 24.65 4.72 39.27
N GLY B 36 24.93 5.93 39.73
CA GLY B 36 24.95 6.23 41.16
C GLY B 36 23.58 6.33 41.83
N LEU B 37 22.54 5.81 41.19
CA LEU B 37 21.20 5.70 41.80
C LEU B 37 20.50 7.03 42.16
N GLU B 38 20.87 8.10 41.47
CA GLU B 38 20.11 9.35 41.57
C GLU B 38 18.95 9.37 40.56
N LEU B 39 17.74 9.45 41.08
CA LEU B 39 16.54 9.52 40.27
C LEU B 39 16.36 10.89 39.62
N ASP B 40 15.91 10.94 38.37
CA ASP B 40 15.49 12.20 37.76
C ASP B 40 14.02 12.17 37.34
N LYS B 41 13.14 12.56 38.25
CA LYS B 41 11.70 12.50 38.05
C LYS B 41 11.22 13.29 36.83
N LYS B 42 11.98 14.31 36.43
CA LYS B 42 11.58 15.14 35.30
C LYS B 42 12.30 14.77 33.99
N ALA B 43 12.94 13.59 33.96
CA ALA B 43 13.56 13.12 32.72
C ALA B 43 12.52 12.80 31.63
N ASP B 44 12.94 12.93 30.38
CA ASP B 44 12.18 12.43 29.24
C ASP B 44 11.83 10.95 29.45
N LYS B 45 10.61 10.60 29.06
CA LYS B 45 10.15 9.23 29.26
C LYS B 45 10.05 8.49 27.93
N GLY B 46 10.98 7.57 27.71
CA GLY B 46 11.01 6.79 26.48
C GLY B 46 9.81 5.90 26.34
N VAL B 47 9.29 5.74 25.13
CA VAL B 47 8.13 4.86 24.95
C VAL B 47 8.45 3.37 24.79
N ILE B 48 9.62 3.02 24.29
CA ILE B 48 10.08 1.62 24.43
C ILE B 48 10.12 1.22 25.91
N LEU B 49 10.65 2.10 26.75
CA LEU B 49 10.71 1.86 28.19
C LEU B 49 9.32 1.57 28.78
N HIS B 50 8.34 2.38 28.42
CA HIS B 50 6.99 2.14 28.92
C HIS B 50 6.31 0.90 28.35
N SER B 51 6.65 0.53 27.12
CA SER B 51 6.07 -0.67 26.56
C SER B 51 6.69 -1.86 27.25
N ARG B 52 8.00 -1.81 27.46
CA ARG B 52 8.67 -2.89 28.14
C ARG B 52 8.13 -3.03 29.57
N ILE B 53 7.94 -1.90 30.24
CA ILE B 53 7.36 -1.89 31.57
C ILE B 53 5.94 -2.48 31.57
N LEU B 54 5.09 -1.96 30.67
CA LEU B 54 3.75 -2.54 30.46
C LEU B 54 3.82 -4.04 30.20
N TRP B 55 4.80 -4.46 29.38
CA TRP B 55 4.95 -5.88 29.09
C TRP B 55 5.27 -6.64 30.37
N PHE B 56 6.27 -6.17 31.10
CA PHE B 56 6.70 -6.77 32.37
C PHE B 56 5.54 -6.99 33.36
N TYR B 57 4.86 -5.91 33.72
CA TYR B 57 3.77 -6.03 34.69
C TYR B 57 2.67 -6.98 34.23
N SER B 58 2.30 -6.88 32.95
CA SER B 58 1.32 -7.78 32.39
C SER B 58 1.69 -9.24 32.63
N ASN B 59 2.92 -9.58 32.33
CA ASN B 59 3.39 -10.96 32.42
C ASN B 59 3.72 -11.41 33.85
N ALA B 60 4.15 -10.47 34.69
CA ALA B 60 4.35 -10.75 36.11
C ALA B 60 3.01 -11.20 36.72
N TYR B 61 1.97 -10.43 36.42
CA TYR B 61 0.63 -10.75 36.89
C TYR B 61 0.15 -12.11 36.40
N MET B 62 0.47 -12.44 35.16
CA MET B 62 0.03 -13.72 34.64
C MET B 62 0.83 -14.86 35.25
N THR B 63 2.01 -14.53 35.77
CA THR B 63 2.91 -15.58 36.24
C THR B 63 2.74 -15.81 37.74
N LEU B 64 2.47 -14.71 38.47
CA LEU B 64 2.53 -14.75 39.92
C LEU B 64 1.21 -14.43 40.60
N GLY B 65 0.34 -13.74 39.87
CA GLY B 65 -0.86 -13.16 40.45
C GLY B 65 -0.48 -11.94 41.30
N GLY B 66 -1.48 -11.23 41.81
CA GLY B 66 -1.21 -10.07 42.64
C GLY B 66 -1.71 -8.81 41.98
N ASP B 67 -2.86 -8.33 42.44
CA ASP B 67 -3.54 -7.22 41.80
C ASP B 67 -2.71 -5.94 41.70
N GLU B 68 -1.75 -5.76 42.59
CA GLU B 68 -0.84 -4.61 42.48
C GLU B 68 -0.10 -4.63 41.13
N LEU B 69 0.20 -5.83 40.63
CA LEU B 69 0.96 -5.99 39.40
C LEU B 69 0.15 -5.55 38.19
N LEU B 70 -1.04 -6.14 38.06
CA LEU B 70 -1.97 -5.75 37.02
C LEU B 70 -2.23 -4.23 37.06
N ASP B 71 -2.32 -3.69 38.27
CA ASP B 71 -2.59 -2.27 38.46
C ASP B 71 -1.45 -1.41 37.92
N ASN B 72 -0.21 -1.84 38.15
CA ASN B 72 0.95 -1.16 37.57
C ASN B 72 0.99 -1.26 36.04
N ALA B 73 0.62 -2.44 35.51
CA ALA B 73 0.47 -2.59 34.07
C ALA B 73 -0.52 -1.55 33.54
N LYS B 74 -1.70 -1.52 34.15
CA LYS B 74 -2.75 -0.60 33.74
C LYS B 74 -2.27 0.84 33.78
N HIS B 75 -1.43 1.14 34.77
CA HIS B 75 -0.91 2.48 34.91
C HIS B 75 -0.05 2.82 33.70
N ALA B 76 0.81 1.88 33.31
CA ALA B 76 1.70 2.06 32.16
C ALA B 76 0.87 2.13 30.89
N TYR B 77 -0.11 1.23 30.83
CA TYR B 77 -1.04 1.20 29.72
C TYR B 77 -1.70 2.57 29.48
N GLU B 78 -2.38 3.11 30.49
CA GLU B 78 -3.03 4.41 30.36
C GLU B 78 -2.08 5.44 29.76
N PHE B 79 -0.81 5.38 30.18
CA PHE B 79 0.19 6.33 29.72
C PHE B 79 0.50 6.16 28.23
N ILE B 80 0.56 4.91 27.78
CA ILE B 80 0.80 4.63 26.38
C ILE B 80 -0.41 5.06 25.56
N LYS B 81 -1.58 4.54 25.92
CA LYS B 81 -2.83 4.81 25.21
C LYS B 81 -3.13 6.30 25.00
N ASN B 82 -2.94 7.09 26.05
CA ASN B 82 -3.41 8.46 26.04
C ASN B 82 -2.35 9.46 25.56
N ASN B 83 -1.09 9.04 25.56
CA ASN B 83 0.01 9.95 25.19
C ASN B 83 0.89 9.50 24.01
N CYS B 84 1.11 8.20 23.87
CA CYS B 84 2.24 7.70 23.09
C CYS B 84 1.82 7.25 21.71
N ILE B 85 0.57 6.87 21.58
CA ILE B 85 0.03 6.46 20.30
C ILE B 85 -0.33 7.65 19.41
N ASP B 86 0.14 7.64 18.16
CA ASP B 86 -0.21 8.66 17.18
C ASP B 86 -1.48 8.19 16.47
N TYR B 87 -2.64 8.73 16.86
CA TYR B 87 -3.91 8.28 16.26
C TYR B 87 -4.15 8.86 14.88
N GLU B 88 -3.51 10.01 14.62
CA GLU B 88 -3.59 10.69 13.33
C GLU B 88 -2.79 9.96 12.22
N TYR B 89 -1.47 9.81 12.39
CA TYR B 89 -0.65 9.18 11.37
C TYR B 89 -0.42 7.68 11.59
N GLY B 90 -0.76 7.19 12.78
CA GLY B 90 -0.42 5.83 13.15
C GLY B 90 0.92 5.72 13.88
N GLY B 91 1.17 4.56 14.48
CA GLY B 91 2.40 4.30 15.17
C GLY B 91 2.46 4.88 16.58
N VAL B 92 3.64 4.80 17.18
CA VAL B 92 3.86 5.38 18.48
C VAL B 92 5.05 6.29 18.31
N TYR B 93 5.14 7.32 19.15
CA TYR B 93 6.27 8.24 19.08
C TYR B 93 7.44 7.59 19.77
N TRP B 94 8.62 8.18 19.60
CA TRP B 94 9.85 7.65 20.18
C TRP B 94 10.12 8.14 21.66
N MET B 95 9.86 9.41 21.96
CA MET B 95 10.19 9.98 23.28
C MET B 95 9.15 10.98 23.79
N MET B 96 8.72 10.84 25.05
CA MET B 96 7.84 11.84 25.66
C MET B 96 8.64 12.70 26.64
N ASP B 97 8.18 13.93 26.88
CA ASP B 97 8.76 14.72 27.97
C ASP B 97 8.18 14.12 29.25
N PHE B 98 8.62 14.57 30.42
CA PHE B 98 8.15 13.95 31.66
C PHE B 98 6.63 14.09 31.87
N GLU B 99 6.01 14.99 31.12
CA GLU B 99 4.57 15.22 31.26
C GLU B 99 3.72 14.37 30.30
N GLY B 100 4.34 13.82 29.25
CA GLY B 100 3.61 13.04 28.28
C GLY B 100 3.25 13.76 26.99
N LYS B 101 4.02 14.82 26.70
CA LYS B 101 3.96 15.51 25.42
C LYS B 101 5.04 14.93 24.52
N PRO B 102 4.72 14.67 23.25
CA PRO B 102 5.76 14.06 22.42
C PRO B 102 7.00 14.94 22.41
N ALA B 103 8.17 14.37 22.63
CA ALA B 103 9.41 15.11 22.53
C ALA B 103 10.21 14.73 21.25
N ASP B 104 9.97 13.51 20.77
CA ASP B 104 10.56 13.03 19.53
C ASP B 104 9.51 12.19 18.81
N THR B 105 9.06 12.68 17.67
CA THR B 105 7.92 12.06 16.97
C THR B 105 8.35 11.07 15.88
N MET B 106 9.65 10.77 15.84
CA MET B 106 10.22 9.75 14.96
C MET B 106 9.42 8.44 15.05
N LYS B 107 9.14 7.82 13.90
CA LYS B 107 8.50 6.51 13.88
C LYS B 107 9.51 5.40 13.61
N HIS B 108 9.65 4.50 14.58
CA HIS B 108 10.54 3.37 14.41
C HIS B 108 9.80 2.04 14.52
N THR B 109 9.94 1.22 13.49
CA THR B 109 9.27 -0.08 13.42
C THR B 109 9.55 -0.97 14.64
N TYR B 110 10.78 -0.94 15.10
CA TYR B 110 11.19 -1.66 16.29
C TYR B 110 10.32 -1.23 17.49
N ASN B 111 10.25 0.08 17.71
CA ASN B 111 9.44 0.64 18.77
C ASN B 111 7.93 0.30 18.64
N ILE B 112 7.40 0.39 17.43
CA ILE B 112 5.98 0.06 17.21
C ILE B 112 5.68 -1.43 17.43
N ALA B 113 6.62 -2.28 17.04
CA ALA B 113 6.50 -3.70 17.32
C ALA B 113 6.37 -3.90 18.83
N PHE B 114 7.25 -3.27 19.59
CA PHE B 114 7.24 -3.43 21.03
C PHE B 114 5.91 -3.02 21.70
N ALA B 115 5.30 -1.94 21.21
CA ALA B 115 3.99 -1.54 21.71
C ALA B 115 2.95 -2.63 21.47
N ILE B 116 3.06 -3.34 20.35
CA ILE B 116 2.13 -4.42 20.03
C ILE B 116 2.31 -5.60 20.98
N TYR B 117 3.56 -6.03 21.16
CA TYR B 117 3.94 -7.05 22.15
C TYR B 117 3.34 -6.73 23.52
N ALA B 118 3.52 -5.49 23.97
CA ALA B 118 3.03 -5.07 25.28
C ALA B 118 1.50 -5.10 25.34
N LEU B 119 0.84 -4.37 24.44
CA LEU B 119 -0.63 -4.35 24.43
C LEU B 119 -1.18 -5.78 24.32
N SER B 120 -0.51 -6.61 23.54
CA SER B 120 -1.02 -7.96 23.33
C SER B 120 -0.94 -8.72 24.64
N SER B 121 0.17 -8.55 25.35
CA SER B 121 0.29 -9.11 26.69
C SER B 121 -0.76 -8.55 27.66
N TYR B 122 -0.92 -7.23 27.65
CA TYR B 122 -1.85 -6.58 28.57
C TYR B 122 -3.28 -7.06 28.35
N TYR B 123 -3.64 -7.32 27.09
CA TYR B 123 -4.95 -7.88 26.79
C TYR B 123 -5.10 -9.31 27.33
N ARG B 124 -4.11 -10.16 27.07
CA ARG B 124 -4.13 -11.53 27.58
C ARG B 124 -4.30 -11.57 29.10
N ALA B 125 -3.80 -10.54 29.77
CA ALA B 125 -3.82 -10.47 31.22
C ALA B 125 -5.01 -9.71 31.82
N SER B 126 -5.57 -8.74 31.08
CA SER B 126 -6.55 -7.81 31.66
C SER B 126 -8.06 -8.17 31.68
N GLY B 127 -8.65 -8.79 30.65
CA GLY B 127 -8.31 -8.62 29.25
C GLY B 127 -9.26 -7.57 28.66
N ASP B 128 -8.84 -6.31 28.80
CA ASP B 128 -9.51 -5.19 28.20
C ASP B 128 -9.48 -5.38 26.67
N LYS B 129 -10.67 -5.45 26.04
CA LYS B 129 -10.79 -5.53 24.58
C LYS B 129 -10.14 -4.32 23.90
N GLU B 130 -10.16 -3.18 24.56
CA GLU B 130 -9.53 -1.99 24.01
C GLU B 130 -8.02 -2.16 23.76
N ALA B 131 -7.30 -2.82 24.68
CA ALA B 131 -5.88 -3.07 24.45
C ALA B 131 -5.65 -3.84 23.14
N LEU B 132 -6.53 -4.80 22.90
CA LEU B 132 -6.46 -5.63 21.70
C LEU B 132 -6.69 -4.83 20.39
N ALA B 133 -7.77 -4.06 20.34
CA ALA B 133 -7.98 -3.09 19.27
C ALA B 133 -6.70 -2.30 18.98
N LEU B 134 -6.11 -1.76 20.03
CA LEU B 134 -4.95 -0.91 19.86
C LEU B 134 -3.79 -1.70 19.26
N ALA B 135 -3.63 -2.96 19.68
CA ALA B 135 -2.61 -3.83 19.09
C ALA B 135 -2.81 -3.96 17.56
N TYR B 136 -4.05 -4.22 17.17
CA TYR B 136 -4.37 -4.41 15.76
C TYR B 136 -4.18 -3.14 14.95
N ARG B 137 -4.67 -2.03 15.48
CA ARG B 137 -4.41 -0.72 14.90
C ARG B 137 -2.92 -0.55 14.57
N LEU B 138 -2.07 -0.87 15.54
CA LEU B 138 -0.64 -0.71 15.35
C LEU B 138 -0.06 -1.72 14.34
N PHE B 139 -0.50 -2.96 14.40
CA PHE B 139 -0.16 -3.99 13.41
C PHE B 139 -0.52 -3.48 12.00
N GLU B 140 -1.75 -2.99 11.85
CA GLU B 140 -2.19 -2.34 10.62
C GLU B 140 -1.27 -1.18 10.18
N ASP B 141 -0.89 -0.31 11.11
CA ASP B 141 -0.01 0.83 10.79
C ASP B 141 1.37 0.38 10.29
N ILE B 142 1.93 -0.66 10.90
CA ILE B 142 3.24 -1.15 10.51
C ILE B 142 3.18 -1.63 9.06
N GLU B 143 2.18 -2.48 8.79
CA GLU B 143 1.96 -3.07 7.48
C GLU B 143 1.66 -2.05 6.37
N LYS B 144 0.77 -1.10 6.64
CA LYS B 144 0.45 -0.03 5.70
C LYS B 144 1.65 0.85 5.36
N ASN B 145 2.38 1.27 6.39
CA ASN B 145 3.37 2.34 6.23
C ASN B 145 4.84 1.95 6.18
N THR B 146 5.19 0.80 6.75
CA THR B 146 6.60 0.42 6.86
C THR B 146 7.00 -0.72 5.92
N LEU B 147 6.02 -1.44 5.41
CA LEU B 147 6.33 -2.60 4.57
C LEU B 147 6.58 -2.22 3.11
N TYR B 148 7.79 -2.50 2.62
CA TYR B 148 8.10 -2.34 1.20
C TYR B 148 8.27 -3.73 0.54
N GLU B 149 8.49 -3.74 -0.78
CA GLU B 149 8.56 -4.99 -1.54
C GLU B 149 9.60 -5.96 -0.99
N TYR B 150 10.74 -5.42 -0.61
CA TYR B 150 11.85 -6.25 -0.15
C TYR B 150 11.96 -6.22 1.38
N GLY B 151 10.86 -5.92 2.05
CA GLY B 151 10.81 -5.98 3.50
C GLY B 151 10.60 -4.68 4.26
N TYR B 152 10.58 -4.80 5.59
CA TYR B 152 10.31 -3.65 6.46
C TYR B 152 11.44 -2.63 6.49
N ARG B 153 11.08 -1.38 6.24
CA ARG B 153 11.98 -0.26 6.44
C ARG B 153 11.78 0.19 7.88
N GLU B 154 12.79 0.83 8.46
CA GLU B 154 12.86 0.88 9.92
C GLU B 154 12.65 2.21 10.59
N ALA B 155 13.10 3.29 9.97
CA ALA B 155 13.09 4.58 10.63
C ALA B 155 12.50 5.69 9.78
N PHE B 156 11.44 6.31 10.30
CA PHE B 156 10.75 7.40 9.61
C PHE B 156 10.54 8.58 10.54
N ASP B 157 10.13 9.71 9.98
CA ASP B 157 9.68 10.82 10.82
C ASP B 157 8.18 10.63 11.10
N ARG B 158 7.56 11.59 11.76
CA ARG B 158 6.19 11.38 12.22
C ARG B 158 5.23 11.03 11.09
N GLN B 159 5.48 11.56 9.90
CA GLN B 159 4.56 11.39 8.77
C GLN B 159 4.96 10.28 7.80
N TRP B 160 5.91 9.45 8.22
CA TRP B 160 6.34 8.27 7.46
C TRP B 160 7.29 8.61 6.33
N ARG B 161 7.86 9.80 6.36
CA ARG B 161 8.98 10.11 5.47
C ARG B 161 10.27 9.46 5.99
N LEU B 162 11.06 8.90 5.09
CA LEU B 162 12.25 8.17 5.48
C LEU B 162 13.33 9.05 6.13
N VAL B 163 14.03 8.49 7.10
CA VAL B 163 15.20 9.13 7.72
C VAL B 163 16.26 8.07 8.04
N ASP B 164 17.45 8.52 8.38
CA ASP B 164 18.55 7.62 8.71
C ASP B 164 18.27 6.76 9.95
N ASN B 165 18.57 5.45 9.85
CA ASN B 165 18.32 4.51 10.94
C ASN B 165 19.34 4.67 12.09
N GLU B 166 19.24 5.79 12.79
CA GLU B 166 20.07 6.05 13.95
C GLU B 166 19.53 5.37 15.22
N ALA B 167 20.44 5.00 16.11
CA ALA B 167 20.04 4.50 17.42
C ALA B 167 19.48 3.07 17.39
N LEU B 168 19.41 2.49 16.19
CA LEU B 168 19.54 1.04 16.08
C LEU B 168 20.94 0.72 15.53
N SER B 169 21.65 1.77 15.12
CA SER B 169 22.98 1.65 14.54
C SER B 169 24.09 1.39 15.57
N GLU B 170 25.34 1.40 15.10
CA GLU B 170 26.48 0.98 15.91
C GLU B 170 27.75 1.21 15.12
N ASN B 171 28.70 1.95 15.69
CA ASN B 171 29.89 2.39 14.97
C ASN B 171 29.50 3.32 13.83
N GLY B 172 29.84 2.92 12.59
CA GLY B 172 29.52 3.70 11.39
C GLY B 172 28.19 4.44 11.52
N LEU B 173 27.10 3.79 11.10
CA LEU B 173 27.15 2.62 10.24
C LEU B 173 25.84 2.66 9.46
N LYS B 174 25.92 3.19 8.23
CA LYS B 174 24.77 3.20 7.33
C LYS B 174 24.05 1.85 7.41
N ALA B 175 22.88 1.83 8.03
CA ALA B 175 22.11 0.60 8.11
C ALA B 175 20.62 0.90 7.99
N ASP B 176 20.03 0.45 6.89
CA ASP B 176 18.61 0.68 6.63
C ASP B 176 17.75 -0.41 7.20
N LYS B 177 18.26 -1.64 7.18
CA LYS B 177 17.51 -2.77 7.73
C LYS B 177 18.33 -3.52 8.79
N THR B 178 17.64 -4.03 9.82
CA THR B 178 18.30 -4.67 10.94
C THR B 178 17.65 -6.00 11.27
N MET B 179 18.45 -6.96 11.75
CA MET B 179 17.88 -8.21 12.18
C MET B 179 17.08 -7.90 13.44
N ASN B 180 17.54 -6.87 14.16
CA ASN B 180 16.89 -6.44 15.38
C ASN B 180 15.43 -6.11 15.18
N ALA B 181 15.14 -5.25 14.20
CA ALA B 181 13.76 -4.93 13.88
C ALA B 181 12.97 -6.21 13.59
N ILE B 182 13.59 -7.11 12.83
CA ILE B 182 12.93 -8.34 12.44
C ILE B 182 12.62 -9.18 13.67
N LEU B 183 13.64 -9.40 14.51
CA LEU B 183 13.48 -10.19 15.72
C LEU B 183 12.27 -9.73 16.52
N HIS B 184 12.19 -8.43 16.75
CA HIS B 184 11.16 -7.91 17.62
C HIS B 184 9.79 -7.83 16.95
N LEU B 185 9.78 -7.76 15.61
CA LEU B 185 8.54 -8.03 14.89
C LEU B 185 8.05 -9.44 15.18
N ILE B 186 8.93 -10.43 14.98
CA ILE B 186 8.57 -11.82 15.28
C ILE B 186 8.05 -11.93 16.73
N GLU B 187 8.79 -11.32 17.64
CA GLU B 187 8.44 -11.36 19.05
C GLU B 187 7.03 -10.79 19.28
N ALA B 188 6.76 -9.63 18.69
CA ALA B 188 5.47 -8.99 18.85
C ALA B 188 4.34 -9.77 18.14
N TYR B 189 4.56 -10.15 16.89
CA TYR B 189 3.47 -10.79 16.16
C TYR B 189 3.12 -12.13 16.80
N THR B 190 4.14 -12.80 17.33
CA THR B 190 3.89 -14.02 18.07
C THR B 190 2.87 -13.80 19.18
N GLU B 191 2.99 -12.69 19.88
CA GLU B 191 2.11 -12.40 21.00
C GLU B 191 0.71 -12.04 20.51
N LEU B 192 0.62 -11.22 19.47
CA LEU B 192 -0.66 -10.88 18.87
C LEU B 192 -1.39 -12.15 18.46
N TYR B 193 -0.68 -13.06 17.78
CA TYR B 193 -1.28 -14.35 17.44
C TYR B 193 -1.72 -15.12 18.68
N LYS B 194 -0.83 -15.24 19.65
CA LYS B 194 -1.17 -15.91 20.90
C LYS B 194 -2.48 -15.37 21.49
N ALA B 195 -2.68 -14.06 21.38
CA ALA B 195 -3.83 -13.46 22.04
C ALA B 195 -5.16 -13.68 21.31
N ASP B 196 -5.13 -13.64 19.97
CA ASP B 196 -6.38 -13.56 19.21
C ASP B 196 -6.44 -14.47 17.99
N GLY B 197 -5.32 -15.08 17.62
CA GLY B 197 -5.30 -16.08 16.56
C GLY B 197 -5.67 -15.63 15.15
N ASN B 198 -5.33 -14.38 14.82
CA ASN B 198 -5.60 -13.88 13.48
C ASN B 198 -4.62 -14.42 12.45
N GLU B 199 -5.15 -14.95 11.36
CA GLU B 199 -4.28 -15.64 10.40
C GLU B 199 -3.56 -14.66 9.45
N LYS B 200 -4.13 -13.47 9.27
CA LYS B 200 -3.42 -12.37 8.62
C LYS B 200 -2.14 -12.04 9.41
N VAL B 201 -2.24 -12.08 10.74
CA VAL B 201 -1.09 -11.89 11.61
C VAL B 201 -0.05 -13.02 11.45
N ALA B 202 -0.53 -14.26 11.34
CA ALA B 202 0.39 -15.40 11.22
C ALA B 202 1.12 -15.40 9.88
N ASP B 203 0.45 -14.94 8.83
CA ASP B 203 1.12 -14.79 7.55
C ASP B 203 2.31 -13.85 7.62
N ARG B 204 2.13 -12.67 8.21
CA ARG B 204 3.24 -11.74 8.35
C ARG B 204 4.34 -12.37 9.21
N LEU B 205 3.94 -12.95 10.35
CA LEU B 205 4.86 -13.67 11.23
C LEU B 205 5.73 -14.65 10.41
N LYS B 206 5.09 -15.36 9.49
CA LYS B 206 5.78 -16.40 8.75
C LYS B 206 6.76 -15.77 7.76
N PHE B 207 6.37 -14.66 7.15
CA PHE B 207 7.28 -13.93 6.27
C PHE B 207 8.55 -13.49 7.01
N GLN B 208 8.35 -13.00 8.24
CA GLN B 208 9.47 -12.55 9.06
C GLN B 208 10.38 -13.73 9.46
N LEU B 209 9.78 -14.80 9.96
CA LEU B 209 10.48 -16.06 10.22
C LEU B 209 11.30 -16.46 8.99
N GLY B 210 10.64 -16.47 7.84
CA GLY B 210 11.28 -16.72 6.57
C GLY B 210 12.49 -15.85 6.34
N GLN B 211 12.34 -14.54 6.55
CA GLN B 211 13.47 -13.62 6.38
C GLN B 211 14.66 -13.97 7.30
N MET B 212 14.35 -14.52 8.47
CA MET B 212 15.41 -14.93 9.40
C MET B 212 16.25 -16.10 8.86
N ARG B 213 15.60 -17.17 8.40
CA ARG B 213 16.38 -18.33 7.94
C ARG B 213 17.01 -18.15 6.58
N ASP B 214 16.34 -17.43 5.68
CA ASP B 214 16.78 -17.38 4.28
C ASP B 214 17.77 -16.25 4.01
N ILE B 215 17.67 -15.18 4.79
CA ILE B 215 18.53 -14.01 4.60
C ILE B 215 19.55 -13.82 5.73
N VAL B 216 19.07 -13.69 6.97
CA VAL B 216 19.94 -13.21 8.06
C VAL B 216 20.87 -14.28 8.65
N TYR B 217 20.39 -15.52 8.72
CA TYR B 217 21.21 -16.68 9.12
C TYR B 217 22.35 -16.97 8.16
N THR B 218 23.49 -17.34 8.70
CA THR B 218 24.67 -17.65 7.88
C THR B 218 25.08 -19.10 8.13
N PRO B 219 24.61 -20.02 7.28
CA PRO B 219 24.68 -21.47 7.51
C PRO B 219 26.08 -22.03 7.81
N ASP B 220 27.14 -21.33 7.38
CA ASP B 220 28.49 -21.84 7.56
C ASP B 220 29.23 -21.24 8.75
N THR B 221 28.63 -20.23 9.39
CA THR B 221 29.15 -19.74 10.66
C THR B 221 28.14 -19.94 11.79
N ASN B 222 26.91 -20.24 11.41
CA ASN B 222 25.79 -20.36 12.36
C ASN B 222 25.53 -19.05 13.11
N ALA B 223 25.92 -17.94 12.50
CA ALA B 223 25.74 -16.60 13.08
C ALA B 223 24.55 -15.90 12.44
N LEU B 224 23.96 -14.93 13.14
CA LEU B 224 22.99 -14.06 12.50
C LEU B 224 23.72 -12.82 12.01
N LYS B 225 23.39 -12.39 10.79
CA LYS B 225 23.89 -11.13 10.28
C LYS B 225 23.14 -10.02 11.01
N VAL B 226 23.79 -8.90 11.22
CA VAL B 226 23.23 -7.82 12.03
C VAL B 226 22.67 -6.64 11.23
N PHE B 227 23.49 -6.05 10.36
CA PHE B 227 23.08 -4.88 9.59
C PHE B 227 23.05 -5.08 8.07
N PHE B 228 22.09 -4.45 7.39
CA PHE B 228 21.94 -4.56 5.94
C PHE B 228 21.62 -3.24 5.27
N ASP B 229 21.89 -3.16 3.96
CA ASP B 229 21.43 -2.05 3.13
C ASP B 229 20.13 -2.43 2.42
N THR B 230 19.59 -1.52 1.62
CA THR B 230 18.28 -1.73 1.04
C THR B 230 18.18 -3.03 0.23
N ALA B 231 19.32 -3.63 -0.08
CA ALA B 231 19.35 -4.85 -0.88
C ALA B 231 19.49 -6.12 -0.04
N PHE B 232 19.35 -5.97 1.28
CA PHE B 232 19.70 -7.04 2.20
C PHE B 232 21.12 -7.59 1.94
N ASN B 233 22.04 -6.68 1.62
CA ASN B 233 23.43 -7.01 1.61
C ASN B 233 24.07 -6.54 2.92
N LEU B 234 24.95 -7.37 3.46
CA LEU B 234 25.58 -7.09 4.75
C LEU B 234 26.30 -5.74 4.79
N VAL B 235 26.11 -5.01 5.88
CA VAL B 235 26.90 -3.83 6.18
C VAL B 235 27.75 -4.06 7.43
N GLY B 236 29.06 -3.89 7.33
CA GLY B 236 29.94 -4.09 8.48
C GLY B 236 30.13 -5.57 8.75
N ASP B 237 30.91 -5.88 9.77
CA ASP B 237 31.14 -7.27 10.15
C ASP B 237 30.93 -7.43 11.66
N ILE B 238 29.68 -7.32 12.08
CA ILE B 238 29.31 -7.42 13.49
C ILE B 238 28.66 -8.77 13.84
N HIS B 239 29.05 -9.33 14.98
CA HIS B 239 28.36 -10.52 15.48
C HIS B 239 27.83 -10.34 16.93
N SER B 240 26.52 -10.13 17.06
CA SER B 240 25.92 -9.89 18.38
C SER B 240 25.45 -11.19 19.08
N TYR B 241 26.27 -11.70 19.98
CA TYR B 241 26.02 -12.97 20.67
C TYR B 241 24.68 -12.95 21.42
N GLY B 242 24.36 -11.80 22.00
CA GLY B 242 23.12 -11.65 22.74
C GLY B 242 21.92 -11.78 21.84
N HIS B 243 21.97 -11.19 20.64
CA HIS B 243 20.86 -11.36 19.72
C HIS B 243 20.72 -12.80 19.24
N ASP B 244 21.83 -13.42 18.85
CA ASP B 244 21.80 -14.83 18.46
C ASP B 244 21.05 -15.67 19.50
N ILE B 245 21.54 -15.65 20.72
CA ILE B 245 20.97 -16.52 21.74
C ILE B 245 19.51 -16.19 22.03
N GLU B 246 19.16 -14.91 22.03
CA GLU B 246 17.77 -14.48 22.16
C GLU B 246 16.89 -14.99 20.99
N ALA B 247 17.37 -14.82 19.76
CA ALA B 247 16.65 -15.26 18.56
C ALA B 247 16.32 -16.75 18.59
N THR B 248 17.23 -17.57 19.11
CA THR B 248 16.97 -19.01 19.19
C THR B 248 15.62 -19.32 19.88
N TRP B 249 15.44 -18.88 21.12
CA TRP B 249 14.21 -19.26 21.82
C TRP B 249 13.00 -18.45 21.36
N LEU B 250 13.25 -17.27 20.79
CA LEU B 250 12.17 -16.42 20.31
C LEU B 250 11.54 -17.00 19.04
N MET B 251 12.38 -17.51 18.15
CA MET B 251 11.88 -18.21 16.97
C MET B 251 11.20 -19.54 17.32
N ASP B 252 11.77 -20.28 18.28
CA ASP B 252 11.13 -21.53 18.69
C ASP B 252 9.75 -21.21 19.25
N ARG B 253 9.67 -20.11 19.98
CA ARG B 253 8.41 -19.69 20.60
C ARG B 253 7.39 -19.34 19.52
N ALA B 254 7.85 -18.67 18.46
CA ALA B 254 6.98 -18.30 17.34
C ALA B 254 6.40 -19.53 16.64
N CYS B 255 7.24 -20.52 16.38
CA CYS B 255 6.78 -21.75 15.79
C CYS B 255 5.82 -22.54 16.70
N ASP B 256 6.07 -22.58 17.99
CA ASP B 256 5.18 -23.32 18.90
C ASP B 256 3.79 -22.68 18.91
N VAL B 257 3.77 -21.36 18.95
CA VAL B 257 2.53 -20.63 18.97
C VAL B 257 1.79 -20.76 17.63
N LEU B 258 2.55 -20.85 16.54
CA LEU B 258 1.93 -21.16 15.23
C LEU B 258 1.31 -22.57 15.17
N GLY B 259 1.98 -23.56 15.75
CA GLY B 259 1.51 -24.93 15.70
C GLY B 259 1.83 -25.64 14.39
N ASP B 260 2.73 -25.05 13.60
CA ASP B 260 3.12 -25.57 12.29
C ASP B 260 4.36 -26.49 12.41
N GLU B 261 4.09 -27.79 12.60
CA GLU B 261 5.11 -28.79 12.94
C GLU B 261 6.34 -28.80 12.05
N ASP B 262 6.16 -28.48 10.78
CA ASP B 262 7.29 -28.39 9.85
C ASP B 262 8.18 -27.20 10.20
N LEU B 263 7.55 -26.06 10.52
CA LEU B 263 8.31 -24.91 11.00
C LEU B 263 9.02 -25.25 12.31
N LYS B 264 8.27 -25.76 13.28
CA LYS B 264 8.85 -26.18 14.56
C LYS B 264 10.15 -26.95 14.35
N LYS B 265 10.06 -28.07 13.64
CA LYS B 265 11.23 -28.93 13.42
C LYS B 265 12.34 -28.18 12.67
N GLN B 266 11.97 -27.45 11.64
CA GLN B 266 12.96 -26.75 10.84
C GLN B 266 13.75 -25.72 11.68
N PHE B 267 13.04 -24.96 12.51
CA PHE B 267 13.67 -23.89 13.31
C PHE B 267 14.40 -24.39 14.53
N ALA B 268 13.79 -25.33 15.24
CA ALA B 268 14.49 -26.05 16.29
C ALA B 268 15.87 -26.50 15.80
N GLU B 269 15.93 -27.07 14.60
CA GLU B 269 17.19 -27.55 14.06
C GLU B 269 18.19 -26.41 13.89
N MET B 270 17.73 -25.32 13.27
CA MET B 270 18.60 -24.18 12.97
C MET B 270 19.03 -23.47 14.25
N ASP B 271 18.10 -23.39 15.20
CA ASP B 271 18.32 -22.67 16.45
C ASP B 271 19.37 -23.36 17.33
N LEU B 272 19.32 -24.70 17.40
CA LEU B 272 20.32 -25.45 18.14
C LEU B 272 21.70 -25.28 17.51
N LYS B 273 21.73 -25.12 16.20
CA LYS B 273 23.01 -24.91 15.54
C LYS B 273 23.61 -23.62 16.08
N ILE B 274 22.74 -22.60 16.20
CA ILE B 274 23.08 -21.30 16.74
C ILE B 274 23.38 -21.40 18.23
N SER B 275 22.52 -22.10 18.97
CA SER B 275 22.79 -22.43 20.37
C SER B 275 24.19 -23.03 20.59
N HIS B 276 24.48 -24.16 19.95
CA HIS B 276 25.79 -24.78 20.13
C HIS B 276 26.90 -23.80 19.85
N ASN B 277 26.77 -23.07 18.75
CA ASN B 277 27.80 -22.15 18.32
C ASN B 277 28.12 -21.12 19.39
N ILE B 278 27.06 -20.52 19.95
CA ILE B 278 27.20 -19.53 21.02
C ILE B 278 27.84 -20.13 22.27
N GLN B 279 27.35 -21.28 22.70
CA GLN B 279 27.96 -22.00 23.83
C GLN B 279 29.45 -22.23 23.63
N ASP B 280 29.85 -22.50 22.38
CA ASP B 280 31.26 -22.71 22.07
C ASP B 280 32.06 -21.41 21.98
N ILE B 281 31.52 -20.44 21.26
CA ILE B 281 32.29 -19.27 20.87
C ILE B 281 32.18 -18.04 21.79
N ALA B 282 31.08 -17.90 22.54
CA ALA B 282 30.83 -16.66 23.30
C ALA B 282 30.82 -16.85 24.82
N LEU B 283 30.65 -18.09 25.26
CA LEU B 283 30.67 -18.40 26.68
C LEU B 283 32.11 -18.56 27.19
N GLU B 284 32.59 -17.54 27.90
CA GLU B 284 33.98 -17.51 28.38
C GLU B 284 33.98 -17.22 29.88
N ASP B 285 34.59 -18.12 30.65
CA ASP B 285 34.72 -17.92 32.09
C ASP B 285 33.34 -17.81 32.76
N GLY B 286 32.40 -18.61 32.26
CA GLY B 286 31.13 -18.78 32.95
C GLY B 286 30.06 -17.78 32.59
N ALA B 287 30.43 -16.80 31.77
CA ALA B 287 29.54 -15.73 31.39
C ALA B 287 29.58 -15.50 29.87
N LEU B 288 28.57 -14.81 29.35
CA LEU B 288 28.49 -14.56 27.91
C LEU B 288 29.19 -13.25 27.53
N ASN B 289 30.08 -13.31 26.54
CA ASN B 289 30.65 -12.11 25.94
C ASN B 289 29.58 -11.31 25.20
N ASN B 290 29.92 -10.09 24.75
CA ASN B 290 28.93 -9.22 24.14
C ASN B 290 28.82 -9.41 22.62
N GLU B 291 29.89 -9.05 21.91
CA GLU B 291 29.86 -9.10 20.46
C GLU B 291 31.25 -9.15 19.84
N ARG B 292 31.30 -9.49 18.56
CA ARG B 292 32.50 -9.31 17.77
C ARG B 292 32.25 -8.24 16.73
N ASP B 293 33.16 -7.28 16.62
CA ASP B 293 33.16 -6.35 15.51
C ASP B 293 34.47 -6.50 14.75
N LYS B 294 34.39 -7.15 13.59
CA LYS B 294 35.55 -7.48 12.78
C LYS B 294 36.50 -8.39 13.55
N ASN B 295 37.66 -7.85 13.90
CA ASN B 295 38.73 -8.63 14.53
C ASN B 295 38.79 -8.47 16.05
N GLU B 296 37.84 -7.72 16.61
CA GLU B 296 37.86 -7.45 18.06
C GLU B 296 36.68 -8.08 18.79
N ILE B 297 36.97 -8.74 19.91
CA ILE B 297 35.91 -9.31 20.74
C ILE B 297 35.63 -8.46 21.96
N ASP B 298 34.41 -7.95 22.09
CA ASP B 298 34.00 -7.25 23.29
C ASP B 298 33.54 -8.23 24.35
N LYS B 299 34.36 -8.43 25.39
CA LYS B 299 34.04 -9.39 26.44
C LYS B 299 33.25 -8.78 27.60
N THR B 300 32.72 -7.57 27.39
CA THR B 300 31.87 -6.94 28.37
C THR B 300 30.62 -7.73 28.73
N ARG B 301 30.37 -7.94 30.01
CA ARG B 301 29.09 -8.55 30.40
C ARG B 301 27.94 -7.54 30.38
N VAL B 302 27.11 -7.59 29.34
CA VAL B 302 25.92 -6.76 29.30
C VAL B 302 24.77 -7.49 29.96
N TRP B 303 24.01 -6.77 30.77
CA TRP B 303 23.00 -7.39 31.61
C TRP B 303 21.98 -8.20 30.80
N TRP B 304 21.43 -7.61 29.73
CA TRP B 304 20.36 -8.29 29.00
C TRP B 304 20.91 -9.50 28.26
N VAL B 305 22.15 -9.38 27.80
CA VAL B 305 22.84 -10.49 27.17
C VAL B 305 22.89 -11.71 28.11
N GLN B 306 23.25 -11.48 29.37
CA GLN B 306 23.32 -12.59 30.32
C GLN B 306 21.92 -13.16 30.56
N ALA B 307 20.94 -12.27 30.72
CA ALA B 307 19.56 -12.73 30.87
C ALA B 307 19.13 -13.61 29.69
N GLU B 308 19.37 -13.14 28.48
CA GLU B 308 18.91 -13.89 27.31
C GLU B 308 19.63 -15.24 27.21
N ALA B 309 20.94 -15.26 27.52
CA ALA B 309 21.71 -16.51 27.50
C ALA B 309 21.10 -17.57 28.42
N VAL B 310 20.60 -17.16 29.57
CA VAL B 310 19.95 -18.10 30.49
C VAL B 310 18.70 -18.72 29.85
N VAL B 311 17.87 -17.90 29.21
CA VAL B 311 16.68 -18.45 28.59
C VAL B 311 17.04 -19.32 27.40
N GLY B 312 17.98 -18.84 26.58
CA GLY B 312 18.45 -19.52 25.39
C GLY B 312 19.06 -20.89 25.63
N PHE B 313 19.92 -21.02 26.63
CA PHE B 313 20.52 -22.31 26.97
C PHE B 313 19.47 -23.26 27.56
N ILE B 314 18.57 -22.76 28.38
CA ILE B 314 17.51 -23.63 28.90
C ILE B 314 16.61 -24.17 27.77
N ASN B 315 16.22 -23.28 26.87
CA ASN B 315 15.48 -23.63 25.67
C ASN B 315 16.24 -24.64 24.80
N ALA B 316 17.55 -24.43 24.66
CA ALA B 316 18.39 -25.35 23.90
C ALA B 316 18.41 -26.73 24.55
N TYR B 317 18.62 -26.78 25.86
CA TYR B 317 18.43 -28.03 26.58
C TYR B 317 17.09 -28.69 26.25
N GLN B 318 16.01 -27.96 26.46
CA GLN B 318 14.66 -28.50 26.22
C GLN B 318 14.46 -29.08 24.81
N HIS B 319 15.31 -28.69 23.87
CA HIS B 319 15.20 -29.09 22.48
C HIS B 319 16.25 -30.14 22.09
N SER B 320 17.16 -30.45 23.00
CA SER B 320 18.30 -31.31 22.67
C SER B 320 18.50 -32.45 23.69
N GLY B 321 18.22 -32.16 24.96
CA GLY B 321 18.47 -33.11 26.02
C GLY B 321 19.93 -33.08 26.44
N ASP B 322 20.77 -32.38 25.67
CA ASP B 322 22.18 -32.20 26.00
C ASP B 322 22.27 -31.32 27.24
N GLU B 323 22.88 -31.84 28.30
CA GLU B 323 22.86 -31.18 29.59
C GLU B 323 23.93 -30.09 29.76
N LYS B 324 24.95 -30.12 28.90
CA LYS B 324 25.92 -29.04 28.82
C LYS B 324 25.20 -27.69 28.82
N PHE B 325 24.15 -27.58 28.01
CA PHE B 325 23.31 -26.38 27.95
C PHE B 325 22.80 -25.93 29.32
N LEU B 326 22.25 -26.87 30.07
CA LEU B 326 21.77 -26.61 31.43
C LEU B 326 22.89 -26.17 32.40
N GLU B 327 24.08 -26.72 32.23
CA GLU B 327 25.23 -26.32 33.03
C GLU B 327 25.58 -24.91 32.66
N SER B 328 25.42 -24.61 31.38
CA SER B 328 25.72 -23.27 30.90
C SER B 328 24.73 -22.23 31.42
N ALA B 329 23.43 -22.55 31.39
CA ALA B 329 22.44 -21.65 31.95
C ALA B 329 22.79 -21.36 33.41
N LYS B 330 23.14 -22.43 34.15
CA LYS B 330 23.45 -22.32 35.58
C LYS B 330 24.66 -21.43 35.83
N SER B 331 25.70 -21.66 35.04
CA SER B 331 26.91 -20.88 35.17
C SER B 331 26.66 -19.39 34.92
N VAL B 332 25.86 -19.07 33.91
CA VAL B 332 25.53 -17.68 33.60
C VAL B 332 24.70 -17.05 34.74
N TRP B 333 23.74 -17.80 35.26
CA TRP B 333 22.96 -17.34 36.41
C TRP B 333 23.84 -17.08 37.63
N GLU B 334 24.77 -18.01 37.89
CA GLU B 334 25.68 -17.89 39.02
C GLU B 334 26.49 -16.61 38.89
N ASN B 335 26.86 -16.26 37.66
CA ASN B 335 27.67 -15.07 37.42
C ASN B 335 26.86 -13.78 37.33
N ILE B 336 25.58 -13.90 37.04
CA ILE B 336 24.66 -12.78 37.22
C ILE B 336 24.63 -12.43 38.71
N LYS B 337 24.29 -13.43 39.54
CA LYS B 337 24.24 -13.31 41.00
C LYS B 337 25.50 -12.68 41.57
N GLU B 338 26.65 -13.15 41.10
CA GLU B 338 27.91 -12.70 41.64
C GLU B 338 28.29 -11.29 41.23
N TYR B 339 28.28 -11.00 39.92
CA TYR B 339 28.83 -9.74 39.42
C TYR B 339 27.81 -8.74 38.82
N ILE B 340 26.60 -9.20 38.50
CA ILE B 340 25.66 -8.34 37.77
C ILE B 340 24.57 -7.71 38.64
N ILE B 341 23.95 -8.52 39.50
CA ILE B 341 22.91 -8.05 40.39
C ILE B 341 23.47 -7.02 41.35
N ASP B 342 22.77 -5.91 41.52
CA ASP B 342 23.30 -4.83 42.35
C ASP B 342 22.97 -5.13 43.80
N LYS B 343 23.96 -5.02 44.68
CA LYS B 343 23.73 -5.26 46.10
C LYS B 343 23.51 -3.98 46.89
N ARG B 344 23.66 -2.83 46.22
CA ARG B 344 23.42 -1.55 46.86
C ARG B 344 21.93 -1.32 47.12
N GLU B 345 21.60 -0.55 48.15
CA GLU B 345 20.25 -0.09 48.34
C GLU B 345 20.15 1.18 47.51
N GLY B 346 19.10 1.36 46.70
CA GLY B 346 18.29 0.31 46.15
C GLY B 346 18.49 0.35 44.63
N GLY B 347 19.45 -0.44 44.15
CA GLY B 347 19.61 -0.66 42.73
C GLY B 347 18.91 -1.95 42.35
N GLU B 348 18.95 -2.31 41.07
CA GLU B 348 18.50 -3.65 40.66
C GLU B 348 19.63 -4.47 40.02
N TRP B 349 19.85 -4.32 38.72
CA TRP B 349 20.95 -4.99 38.02
C TRP B 349 21.88 -3.96 37.43
N TYR B 350 23.19 -4.21 37.47
CA TYR B 350 24.12 -3.31 36.77
C TYR B 350 23.95 -3.50 35.29
N SER B 351 24.08 -2.42 34.54
CA SER B 351 23.93 -2.47 33.09
C SER B 351 25.09 -3.19 32.40
N GLU B 352 26.32 -2.82 32.74
CA GLU B 352 27.50 -3.40 32.10
C GLU B 352 28.64 -3.61 33.09
N VAL B 353 29.16 -4.83 33.13
CA VAL B 353 30.29 -5.17 33.99
C VAL B 353 31.41 -5.73 33.12
N THR B 354 32.66 -5.36 33.41
CA THR B 354 33.81 -5.83 32.61
C THR B 354 34.10 -7.31 32.84
N PHE B 355 34.90 -7.87 31.95
CA PHE B 355 35.47 -9.21 32.11
C PHE B 355 36.11 -9.39 33.50
N ASP B 356 36.76 -8.34 33.99
CA ASP B 356 37.41 -8.32 35.30
C ASP B 356 36.51 -7.93 36.48
N HIS B 357 35.21 -7.79 36.23
CA HIS B 357 34.24 -7.72 37.31
C HIS B 357 33.98 -6.34 37.89
N THR B 358 34.44 -5.30 37.22
CA THR B 358 34.08 -3.96 37.66
C THR B 358 33.00 -3.32 36.76
N PRO B 359 31.90 -2.84 37.39
CA PRO B 359 30.78 -2.16 36.70
C PRO B 359 31.22 -0.90 35.97
N HIS B 360 30.51 -0.54 34.90
CA HIS B 360 30.83 0.68 34.17
C HIS B 360 30.08 1.82 34.84
N ASP B 361 30.81 2.79 35.40
CA ASP B 361 30.15 3.83 36.20
C ASP B 361 29.40 4.87 35.38
N TYR B 362 29.34 4.67 34.07
CA TYR B 362 28.67 5.63 33.21
C TYR B 362 27.40 5.09 32.56
N LYS B 363 27.08 3.83 32.84
CA LYS B 363 25.85 3.22 32.31
C LYS B 363 24.72 3.32 33.31
N GLU B 364 23.66 4.02 32.95
CA GLU B 364 22.52 4.25 33.86
C GLU B 364 21.80 2.98 34.33
N THR B 365 21.15 3.08 35.48
CA THR B 365 20.42 1.98 36.08
C THR B 365 19.05 1.81 35.42
N VAL B 366 18.48 2.93 35.01
CA VAL B 366 17.18 2.97 34.35
C VAL B 366 17.23 4.10 33.31
N GLY B 367 16.79 3.80 32.09
CA GLY B 367 16.77 4.77 31.02
C GLY B 367 15.98 4.23 29.84
N PRO B 368 15.99 4.97 28.72
CA PRO B 368 15.26 4.59 27.51
C PRO B 368 15.62 3.18 27.03
N TRP B 369 16.82 2.71 27.34
CA TRP B 369 17.26 1.39 26.90
C TRP B 369 17.46 0.34 28.00
N LYS B 370 17.11 0.66 29.24
CA LYS B 370 17.32 -0.21 30.40
C LYS B 370 16.01 -0.33 31.14
N CYS B 371 15.46 -1.53 31.15
CA CYS B 371 14.04 -1.80 31.40
C CYS B 371 13.98 -3.01 32.37
N PRO B 372 12.79 -3.33 32.90
CA PRO B 372 12.59 -4.60 33.61
C PRO B 372 12.32 -5.78 32.67
N TYR B 373 12.50 -5.58 31.37
CA TYR B 373 11.98 -6.53 30.40
C TYR B 373 12.83 -7.78 30.17
N HIS B 374 14.09 -7.63 29.78
CA HIS B 374 14.94 -8.79 29.60
C HIS B 374 15.10 -9.57 30.91
N ASN B 375 15.55 -8.90 31.96
CA ASN B 375 15.76 -9.60 33.22
C ASN B 375 14.46 -10.13 33.82
N GLY B 376 13.40 -9.35 33.71
CA GLY B 376 12.11 -9.79 34.19
C GLY B 376 11.63 -11.02 33.42
N ARG B 377 11.70 -10.94 32.10
CA ARG B 377 11.24 -12.02 31.26
C ARG B 377 12.04 -13.29 31.56
N MET B 378 13.36 -13.15 31.64
CA MET B 378 14.23 -14.28 31.98
C MET B 378 13.74 -15.02 33.22
N CYS B 379 13.43 -14.29 34.29
CA CYS B 379 12.90 -14.93 35.50
C CYS B 379 11.59 -15.65 35.21
N MET B 380 10.70 -14.97 34.51
CA MET B 380 9.40 -15.55 34.22
C MET B 380 9.49 -16.79 33.30
N GLU B 381 10.46 -16.78 32.39
CA GLU B 381 10.69 -17.93 31.53
C GLU B 381 11.22 -19.11 32.34
N VAL B 382 12.19 -18.86 33.22
CA VAL B 382 12.72 -19.96 34.01
C VAL B 382 11.60 -20.61 34.86
N ILE B 383 10.87 -19.79 35.60
CA ILE B 383 9.78 -20.29 36.43
C ILE B 383 8.84 -21.13 35.60
N THR B 384 8.54 -20.63 34.41
CA THR B 384 7.50 -21.21 33.57
C THR B 384 7.97 -22.47 32.85
N ARG B 385 9.22 -22.49 32.41
CA ARG B 385 9.73 -23.68 31.74
C ARG B 385 9.84 -24.88 32.69
N GLY B 386 9.97 -24.62 33.99
CA GLY B 386 10.00 -25.68 34.99
C GLY B 386 11.26 -26.54 35.09
N VAL B 387 12.29 -26.26 34.27
CA VAL B 387 13.52 -27.05 34.36
C VAL B 387 14.52 -26.49 35.38
N ASP B 388 14.99 -27.35 36.27
CA ASP B 388 15.78 -26.93 37.42
C ASP B 388 17.21 -27.45 37.37
N ILE B 389 18.05 -26.96 38.28
CA ILE B 389 19.44 -27.45 38.42
C ILE B 389 20.25 -26.65 39.46
N MET C 1 31.71 -4.75 -42.78
CA MET C 1 30.32 -4.57 -43.18
C MET C 1 29.53 -3.73 -42.15
N MET C 2 28.30 -4.13 -41.91
CA MET C 2 27.41 -3.36 -41.06
C MET C 2 27.94 -3.25 -39.63
N ILE C 3 28.33 -4.38 -39.05
CA ILE C 3 28.83 -4.40 -37.67
C ILE C 3 30.04 -3.50 -37.50
N SER C 4 30.99 -3.62 -38.42
CA SER C 4 32.17 -2.77 -38.39
C SER C 4 31.84 -1.29 -38.56
N GLU C 5 30.97 -0.98 -39.52
CA GLU C 5 30.59 0.42 -39.77
C GLU C 5 30.03 1.06 -38.49
N ILE C 6 29.25 0.26 -37.76
CA ILE C 6 28.53 0.70 -36.59
C ILE C 6 29.46 0.81 -35.36
N ARG C 7 30.40 -0.13 -35.21
CA ARG C 7 31.39 -0.06 -34.14
C ARG C 7 32.20 1.23 -34.20
N GLN C 8 32.50 1.70 -35.40
CA GLN C 8 33.27 2.94 -35.57
C GLN C 8 32.40 4.14 -35.25
N GLU C 9 31.11 4.04 -35.55
CA GLU C 9 30.18 5.08 -35.18
C GLU C 9 30.18 5.20 -33.66
N LEU C 10 30.12 4.06 -32.98
CA LEU C 10 30.23 4.03 -31.53
C LEU C 10 31.55 4.64 -31.04
N THR C 11 32.67 4.00 -31.43
CA THR C 11 33.96 4.25 -30.80
C THR C 11 34.65 5.56 -31.20
N ASP C 12 34.37 6.04 -32.41
CA ASP C 12 35.12 7.18 -32.93
C ASP C 12 34.26 8.43 -33.20
N HIS C 13 32.95 8.29 -33.07
CA HIS C 13 32.05 9.43 -33.22
C HIS C 13 31.18 9.72 -31.97
N ILE C 14 30.40 8.73 -31.53
CA ILE C 14 29.46 8.94 -30.43
C ILE C 14 30.16 9.12 -29.10
N ILE C 15 30.94 8.11 -28.71
CA ILE C 15 31.68 8.19 -27.44
C ILE C 15 32.51 9.47 -27.28
N PRO C 16 33.36 9.78 -28.28
CA PRO C 16 34.15 11.02 -28.18
C PRO C 16 33.27 12.24 -28.03
N PHE C 17 32.13 12.29 -28.73
CA PHE C 17 31.26 13.46 -28.69
C PHE C 17 30.74 13.69 -27.28
N TRP C 18 30.31 12.61 -26.64
CA TRP C 18 29.71 12.68 -25.31
C TRP C 18 30.75 12.89 -24.23
N ASN C 19 31.92 12.27 -24.40
CA ASN C 19 33.06 12.49 -23.52
C ASN C 19 33.29 13.97 -23.21
N LYS C 20 32.99 14.85 -24.16
CA LYS C 20 33.30 16.27 -23.94
C LYS C 20 32.12 17.07 -23.44
N LEU C 21 31.09 16.37 -22.97
CA LEU C 21 29.99 17.03 -22.28
C LEU C 21 30.07 16.78 -20.77
N ARG C 22 31.15 16.14 -20.34
CA ARG C 22 31.44 15.99 -18.92
C ARG C 22 31.67 17.34 -18.27
N ASP C 23 30.86 17.65 -17.25
CA ASP C 23 30.99 18.86 -16.45
C ASP C 23 31.73 18.55 -15.13
N ASP C 24 33.03 18.85 -15.10
CA ASP C 24 33.83 18.63 -13.91
C ASP C 24 33.76 19.81 -12.93
N GLU C 25 33.35 20.98 -13.42
CA GLU C 25 33.10 22.10 -12.51
C GLU C 25 31.90 21.80 -11.60
N ASN C 26 30.70 21.81 -12.18
CA ASN C 26 29.47 21.66 -11.41
C ASN C 26 28.89 20.24 -11.31
N GLY C 27 29.50 19.29 -12.01
CA GLY C 27 29.09 17.91 -11.87
C GLY C 27 28.22 17.37 -12.98
N GLY C 28 28.25 16.06 -13.14
CA GLY C 28 27.46 15.40 -14.17
C GLY C 28 27.85 15.82 -15.57
N PHE C 29 26.84 16.16 -16.38
CA PHE C 29 27.03 16.57 -17.77
C PHE C 29 26.20 17.80 -18.13
N TYR C 30 26.67 18.55 -19.12
CA TYR C 30 25.95 19.74 -19.57
C TYR C 30 24.58 19.38 -20.13
N GLY C 31 23.61 20.25 -19.90
CA GLY C 31 22.22 19.94 -20.18
C GLY C 31 21.73 20.13 -21.61
N TYR C 32 22.37 21.00 -22.38
CA TYR C 32 21.77 21.45 -23.62
C TYR C 32 22.79 21.85 -24.66
N LEU C 33 22.59 21.38 -25.89
CA LEU C 33 23.41 21.77 -27.03
C LEU C 33 22.50 21.97 -28.23
N SER C 34 22.41 23.20 -28.72
CA SER C 34 21.47 23.56 -29.79
C SER C 34 21.70 22.82 -31.10
N TYR C 35 20.73 22.89 -32.01
CA TYR C 35 20.91 22.34 -33.37
C TYR C 35 22.15 23.01 -34.00
N GLY C 36 22.31 24.30 -33.73
CA GLY C 36 23.46 25.07 -34.18
C GLY C 36 24.79 24.73 -33.51
N LEU C 37 24.76 23.81 -32.55
CA LEU C 37 25.97 23.31 -31.88
C LEU C 37 26.54 24.31 -30.88
N GLU C 38 25.71 25.28 -30.46
CA GLU C 38 26.06 26.17 -29.36
C GLU C 38 25.76 25.50 -28.02
N LEU C 39 26.79 25.34 -27.19
CA LEU C 39 26.63 24.72 -25.89
C LEU C 39 26.05 25.70 -24.87
N ASP C 40 25.39 25.17 -23.86
CA ASP C 40 24.94 25.96 -22.71
C ASP C 40 25.29 25.21 -21.44
N LYS C 41 26.35 25.64 -20.78
CA LYS C 41 26.83 24.92 -19.61
C LYS C 41 25.98 25.21 -18.37
N LYS C 42 25.30 26.36 -18.35
CA LYS C 42 24.46 26.71 -17.22
C LYS C 42 23.03 26.17 -17.37
N ALA C 43 22.79 25.44 -18.45
CA ALA C 43 21.47 24.87 -18.72
C ALA C 43 21.07 23.86 -17.66
N ASP C 44 19.76 23.74 -17.45
CA ASP C 44 19.19 22.75 -16.54
C ASP C 44 19.58 21.35 -17.00
N LYS C 45 19.82 20.46 -16.05
CA LYS C 45 20.24 19.11 -16.37
C LYS C 45 19.16 18.10 -15.98
N GLY C 46 18.49 17.54 -16.98
CA GLY C 46 17.41 16.62 -16.71
C GLY C 46 17.94 15.31 -16.16
N VAL C 47 17.13 14.61 -15.37
CA VAL C 47 17.62 13.37 -14.78
C VAL C 47 17.39 12.13 -15.66
N ILE C 48 16.39 12.19 -16.55
CA ILE C 48 16.31 11.18 -17.60
C ILE C 48 17.61 11.25 -18.42
N LEU C 49 17.98 12.47 -18.80
CA LEU C 49 19.22 12.70 -19.53
C LEU C 49 20.39 12.04 -18.82
N HIS C 50 20.49 12.28 -17.51
CA HIS C 50 21.60 11.75 -16.76
C HIS C 50 21.59 10.25 -16.53
N SER C 51 20.42 9.66 -16.31
CA SER C 51 20.39 8.21 -16.10
C SER C 51 20.76 7.53 -17.39
N ARG C 52 20.38 8.15 -18.51
CA ARG C 52 20.67 7.58 -19.82
C ARG C 52 22.18 7.61 -20.10
N ILE C 53 22.81 8.74 -19.78
CA ILE C 53 24.25 8.87 -19.90
C ILE C 53 24.92 7.79 -19.04
N LEU C 54 24.40 7.63 -17.80
CA LEU C 54 24.91 6.61 -16.89
C LEU C 54 24.80 5.23 -17.51
N TRP C 55 23.61 4.91 -18.02
CA TRP C 55 23.35 3.59 -18.56
C TRP C 55 24.32 3.36 -19.71
N PHE C 56 24.50 4.41 -20.52
CA PHE C 56 25.32 4.36 -21.73
C PHE C 56 26.81 4.05 -21.44
N TYR C 57 27.43 4.85 -20.58
CA TYR C 57 28.84 4.62 -20.25
C TYR C 57 29.05 3.30 -19.54
N SER C 58 28.06 2.84 -18.77
CA SER C 58 28.20 1.58 -18.04
C SER C 58 28.18 0.40 -19.01
N ASN C 59 27.34 0.49 -20.03
CA ASN C 59 27.24 -0.57 -21.03
C ASN C 59 28.38 -0.46 -22.04
N ALA C 60 28.83 0.78 -22.30
CA ALA C 60 29.97 1.02 -23.17
C ALA C 60 31.22 0.38 -22.55
N TYR C 61 31.38 0.52 -21.23
CA TYR C 61 32.49 -0.14 -20.55
C TYR C 61 32.38 -1.66 -20.61
N MET C 62 31.19 -2.19 -20.38
CA MET C 62 31.04 -3.66 -20.40
C MET C 62 31.20 -4.23 -21.79
N THR C 63 31.08 -3.38 -22.80
CA THR C 63 31.03 -3.84 -24.20
C THR C 63 32.38 -3.69 -24.92
N LEU C 64 33.08 -2.60 -24.64
CA LEU C 64 34.35 -2.29 -25.27
C LEU C 64 35.51 -2.44 -24.30
N GLY C 65 35.35 -1.89 -23.10
CA GLY C 65 36.41 -1.84 -22.10
C GLY C 65 36.97 -0.43 -22.12
N GLY C 66 37.82 -0.12 -21.15
CA GLY C 66 38.44 1.19 -21.09
C GLY C 66 38.06 1.95 -19.84
N ASP C 67 39.04 2.16 -18.97
CA ASP C 67 38.81 2.82 -17.69
C ASP C 67 38.22 4.23 -17.87
N GLU C 68 38.55 4.86 -18.98
CA GLU C 68 38.01 6.20 -19.26
C GLU C 68 36.49 6.16 -19.29
N LEU C 69 35.93 5.02 -19.71
CA LEU C 69 34.47 4.86 -19.84
C LEU C 69 33.73 4.61 -18.50
N LEU C 70 34.22 3.67 -17.72
CA LEU C 70 33.69 3.46 -16.36
C LEU C 70 33.82 4.72 -15.52
N ASP C 71 34.91 5.46 -15.71
CA ASP C 71 35.13 6.69 -14.97
C ASP C 71 34.15 7.76 -15.43
N ASN C 72 33.54 7.55 -16.59
CA ASN C 72 32.49 8.47 -17.07
C ASN C 72 31.13 8.07 -16.53
N ALA C 73 30.92 6.76 -16.42
CA ALA C 73 29.78 6.22 -15.72
C ALA C 73 29.79 6.78 -14.29
N LYS C 74 30.84 6.43 -13.56
CA LYS C 74 31.00 6.84 -12.16
C LYS C 74 30.74 8.33 -11.96
N HIS C 75 31.23 9.16 -12.89
CA HIS C 75 30.99 10.60 -12.79
C HIS C 75 29.50 10.92 -12.74
N ALA C 76 28.74 10.19 -13.57
CA ALA C 76 27.31 10.42 -13.72
C ALA C 76 26.51 9.84 -12.53
N TYR C 77 26.85 8.59 -12.18
CA TYR C 77 26.44 8.00 -10.91
C TYR C 77 26.48 8.99 -9.75
N GLU C 78 27.62 9.64 -9.57
CA GLU C 78 27.79 10.59 -8.47
C GLU C 78 26.71 11.65 -8.55
N PHE C 79 26.50 12.19 -9.73
CA PHE C 79 25.52 13.25 -9.89
C PHE C 79 24.12 12.78 -9.48
N ILE C 80 23.75 11.58 -9.91
CA ILE C 80 22.44 11.00 -9.62
C ILE C 80 22.29 10.73 -8.12
N LYS C 81 23.21 9.95 -7.57
CA LYS C 81 23.24 9.60 -6.15
C LYS C 81 23.16 10.78 -5.22
N ASN C 82 23.99 11.78 -5.46
CA ASN C 82 24.14 12.90 -4.51
C ASN C 82 23.21 14.09 -4.75
N ASN C 83 22.33 14.01 -5.74
CA ASN C 83 21.48 15.14 -6.05
C ASN C 83 20.08 14.80 -6.51
N CYS C 84 19.96 13.72 -7.27
CA CYS C 84 18.75 13.45 -8.04
C CYS C 84 17.76 12.57 -7.31
N ILE C 85 18.29 11.69 -6.46
CA ILE C 85 17.50 10.80 -5.62
C ILE C 85 16.85 11.56 -4.45
N ASP C 86 15.53 11.46 -4.32
CA ASP C 86 14.81 12.09 -3.20
C ASP C 86 14.68 11.06 -2.05
N TYR C 87 15.60 11.13 -1.11
CA TYR C 87 15.73 10.12 -0.05
C TYR C 87 14.60 10.21 0.98
N GLU C 88 14.12 11.43 1.19
CA GLU C 88 13.00 11.73 2.08
C GLU C 88 11.73 11.05 1.58
N TYR C 89 11.28 11.37 0.38
CA TYR C 89 10.01 10.84 -0.10
C TYR C 89 10.11 9.60 -0.99
N GLY C 90 11.31 9.25 -1.44
CA GLY C 90 11.47 8.22 -2.47
C GLY C 90 11.52 8.74 -3.91
N GLY C 91 12.03 7.92 -4.83
CA GLY C 91 12.07 8.28 -6.24
C GLY C 91 13.22 9.19 -6.67
N VAL C 92 13.08 9.79 -7.85
CA VAL C 92 14.05 10.76 -8.35
C VAL C 92 13.35 11.99 -8.92
N TYR C 93 14.00 13.13 -8.86
CA TYR C 93 13.38 14.35 -9.37
C TYR C 93 13.32 14.33 -10.89
N TRP C 94 12.68 15.35 -11.46
CA TRP C 94 12.56 15.47 -12.90
C TRP C 94 13.71 16.26 -13.55
N MET C 95 14.09 17.37 -12.93
CA MET C 95 14.96 18.35 -13.52
C MET C 95 15.81 19.02 -12.45
N MET C 96 17.11 19.04 -12.67
CA MET C 96 18.03 19.79 -11.80
C MET C 96 18.44 21.07 -12.52
N ASP C 97 18.99 22.02 -11.78
CA ASP C 97 19.71 23.14 -12.38
C ASP C 97 21.16 22.70 -12.60
N PHE C 98 21.99 23.60 -13.13
CA PHE C 98 23.35 23.21 -13.52
C PHE C 98 24.24 22.88 -12.32
N GLU C 99 23.83 23.31 -11.13
CA GLU C 99 24.60 23.05 -9.90
C GLU C 99 24.14 21.81 -9.12
N GLY C 100 23.09 21.16 -9.59
CA GLY C 100 22.56 19.97 -8.93
C GLY C 100 21.51 20.25 -7.85
N LYS C 101 20.93 21.44 -7.87
CA LYS C 101 19.76 21.75 -7.04
C LYS C 101 18.47 21.37 -7.79
N PRO C 102 17.52 20.74 -7.08
CA PRO C 102 16.25 20.37 -7.70
C PRO C 102 15.58 21.57 -8.38
N ALA C 103 15.11 21.38 -9.61
CA ALA C 103 14.47 22.45 -10.37
C ALA C 103 13.01 22.11 -10.69
N ASP C 104 12.74 20.82 -10.84
CA ASP C 104 11.39 20.28 -10.93
C ASP C 104 11.37 18.97 -10.17
N THR C 105 10.63 18.95 -9.06
CA THR C 105 10.64 17.78 -8.17
C THR C 105 9.51 16.82 -8.48
N MET C 106 8.84 17.06 -9.60
CA MET C 106 7.86 16.13 -10.16
C MET C 106 8.37 14.67 -10.12
N LYS C 107 7.55 13.76 -9.63
CA LYS C 107 7.90 12.36 -9.68
C LYS C 107 7.19 11.69 -10.86
N HIS C 108 7.92 10.93 -11.66
CA HIS C 108 7.33 10.26 -12.80
C HIS C 108 7.82 8.83 -12.92
N THR C 109 6.89 7.90 -12.98
CA THR C 109 7.21 6.48 -12.99
C THR C 109 8.22 6.13 -14.09
N TYR C 110 8.05 6.76 -15.25
CA TYR C 110 8.89 6.57 -16.41
C TYR C 110 10.33 6.92 -16.07
N ASN C 111 10.50 8.13 -15.55
CA ASN C 111 11.80 8.63 -15.14
C ASN C 111 12.48 7.76 -14.05
N ILE C 112 11.77 7.44 -12.98
CA ILE C 112 12.28 6.56 -11.90
C ILE C 112 12.67 5.17 -12.41
N ALA C 113 11.91 4.63 -13.37
CA ALA C 113 12.24 3.34 -13.95
C ALA C 113 13.60 3.41 -14.67
N PHE C 114 13.85 4.52 -15.35
CA PHE C 114 15.11 4.66 -16.05
C PHE C 114 16.31 4.64 -15.12
N ALA C 115 16.20 5.36 -14.00
CA ALA C 115 17.30 5.43 -13.03
C ALA C 115 17.62 4.05 -12.47
N ILE C 116 16.57 3.26 -12.26
CA ILE C 116 16.74 1.84 -11.92
C ILE C 116 17.55 1.11 -12.99
N TYR C 117 17.15 1.30 -14.25
CA TYR C 117 17.83 0.73 -15.43
C TYR C 117 19.32 1.10 -15.43
N ALA C 118 19.61 2.40 -15.31
CA ALA C 118 20.97 2.92 -15.25
C ALA C 118 21.79 2.38 -14.05
N LEU C 119 21.14 2.27 -12.88
CA LEU C 119 21.80 1.82 -11.67
C LEU C 119 22.12 0.34 -11.73
N SER C 120 21.19 -0.45 -12.27
CA SER C 120 21.37 -1.88 -12.33
C SER C 120 22.49 -2.19 -13.29
N SER C 121 22.53 -1.43 -14.38
CA SER C 121 23.62 -1.53 -15.34
C SER C 121 24.94 -1.15 -14.69
N TYR C 122 24.97 -0.02 -14.00
CA TYR C 122 26.21 0.48 -13.42
C TYR C 122 26.75 -0.54 -12.45
N TYR C 123 25.88 -1.10 -11.63
CA TYR C 123 26.27 -2.19 -10.75
C TYR C 123 26.89 -3.34 -11.53
N ARG C 124 26.22 -3.80 -12.58
CA ARG C 124 26.76 -4.89 -13.41
C ARG C 124 28.18 -4.57 -13.91
N ALA C 125 28.45 -3.27 -14.10
CA ALA C 125 29.74 -2.78 -14.55
C ALA C 125 30.75 -2.46 -13.43
N SER C 126 30.27 -2.05 -12.25
CA SER C 126 31.12 -1.43 -11.22
C SER C 126 32.04 -2.39 -10.43
N GLY C 127 31.50 -3.36 -9.70
CA GLY C 127 30.10 -3.45 -9.32
C GLY C 127 29.96 -2.96 -7.89
N ASP C 128 29.88 -1.64 -7.74
CA ASP C 128 29.58 -1.00 -6.46
C ASP C 128 28.28 -1.54 -5.91
N LYS C 129 28.34 -2.20 -4.76
CA LYS C 129 27.13 -2.70 -4.12
C LYS C 129 26.14 -1.57 -3.73
N GLU C 130 26.67 -0.36 -3.55
CA GLU C 130 25.87 0.81 -3.19
C GLU C 130 24.89 1.16 -4.32
N ALA C 131 25.30 0.89 -5.55
CA ALA C 131 24.47 1.18 -6.71
C ALA C 131 23.29 0.21 -6.81
N LEU C 132 23.54 -1.08 -6.56
CA LEU C 132 22.49 -2.10 -6.49
C LEU C 132 21.45 -1.78 -5.40
N ALA C 133 21.91 -1.24 -4.28
CA ALA C 133 21.04 -0.93 -3.17
C ALA C 133 20.12 0.23 -3.56
N LEU C 134 20.69 1.22 -4.23
CA LEU C 134 19.97 2.39 -4.68
C LEU C 134 18.88 1.99 -5.69
N ALA C 135 19.19 1.00 -6.52
CA ALA C 135 18.24 0.48 -7.49
C ALA C 135 17.05 -0.21 -6.84
N TYR C 136 17.33 -1.04 -5.84
CA TYR C 136 16.28 -1.70 -5.09
C TYR C 136 15.40 -0.69 -4.36
N ARG C 137 16.03 0.31 -3.75
CA ARG C 137 15.28 1.37 -3.07
C ARG C 137 14.26 2.03 -4.01
N LEU C 138 14.66 2.29 -5.25
CA LEU C 138 13.81 2.99 -6.20
C LEU C 138 12.74 2.05 -6.76
N PHE C 139 13.11 0.78 -6.90
CA PHE C 139 12.16 -0.29 -7.20
C PHE C 139 11.03 -0.29 -6.17
N GLU C 140 11.41 -0.30 -4.90
CA GLU C 140 10.48 -0.26 -3.78
C GLU C 140 9.66 1.02 -3.81
N ASP C 141 10.33 2.14 -4.06
CA ASP C 141 9.65 3.43 -4.15
C ASP C 141 8.54 3.39 -5.21
N ILE C 142 8.76 2.69 -6.31
CA ILE C 142 7.77 2.65 -7.37
C ILE C 142 6.61 1.75 -7.00
N GLU C 143 6.91 0.60 -6.43
CA GLU C 143 5.87 -0.37 -6.10
C GLU C 143 4.98 0.10 -4.96
N LYS C 144 5.50 1.00 -4.13
CA LYS C 144 4.80 1.45 -2.95
C LYS C 144 3.90 2.63 -3.28
N ASN C 145 4.41 3.54 -4.08
CA ASN C 145 3.71 4.80 -4.29
C ASN C 145 3.02 4.97 -5.63
N THR C 146 3.24 4.07 -6.58
CA THR C 146 2.75 4.30 -7.95
C THR C 146 1.84 3.19 -8.45
N LEU C 147 1.84 2.07 -7.76
CA LEU C 147 1.07 0.92 -8.18
C LEU C 147 -0.31 0.90 -7.53
N TYR C 148 -1.34 1.06 -8.35
CA TYR C 148 -2.72 0.94 -7.90
C TYR C 148 -3.28 -0.38 -8.42
N GLU C 149 -4.55 -0.64 -8.15
CA GLU C 149 -5.16 -1.93 -8.47
C GLU C 149 -5.12 -2.27 -9.95
N TYR C 150 -5.33 -1.27 -10.79
CA TYR C 150 -5.41 -1.55 -12.23
C TYR C 150 -4.08 -1.25 -12.93
N GLY C 151 -3.00 -1.10 -12.16
CA GLY C 151 -1.69 -0.90 -12.74
C GLY C 151 -0.97 0.33 -12.20
N TYR C 152 0.05 0.77 -12.93
CA TYR C 152 0.88 1.89 -12.48
C TYR C 152 0.32 3.25 -12.90
N ARG C 153 0.07 4.11 -11.92
CA ARG C 153 -0.11 5.52 -12.22
C ARG C 153 1.26 6.16 -12.48
N GLU C 154 1.28 7.36 -13.05
CA GLU C 154 2.48 7.79 -13.77
C GLU C 154 3.06 9.14 -13.39
N ALA C 155 2.22 10.10 -13.02
CA ALA C 155 2.74 11.42 -12.71
C ALA C 155 2.24 11.97 -11.38
N PHE C 156 3.19 12.41 -10.56
CA PHE C 156 2.94 12.89 -9.22
C PHE C 156 3.85 14.07 -8.99
N ASP C 157 3.50 14.89 -7.99
CA ASP C 157 4.45 15.87 -7.47
C ASP C 157 5.43 15.19 -6.53
N ARG C 158 6.26 15.97 -5.86
CA ARG C 158 7.32 15.39 -5.05
C ARG C 158 6.80 14.38 -4.01
N GLN C 159 5.64 14.69 -3.43
CA GLN C 159 5.07 13.93 -2.32
C GLN C 159 4.06 12.87 -2.76
N TRP C 160 4.08 12.52 -4.05
CA TRP C 160 3.22 11.46 -4.59
C TRP C 160 1.76 11.86 -4.70
N ARG C 161 1.47 13.16 -4.66
CA ARG C 161 0.13 13.60 -5.03
C ARG C 161 0.01 13.56 -6.55
N LEU C 162 -1.09 13.02 -7.04
CA LEU C 162 -1.26 12.83 -8.47
C LEU C 162 -1.41 14.17 -9.20
N VAL C 163 -0.67 14.33 -10.30
CA VAL C 163 -0.93 15.43 -11.23
C VAL C 163 -1.11 14.95 -12.67
N ASP C 164 -1.20 15.89 -13.61
CA ASP C 164 -1.47 15.54 -15.00
C ASP C 164 -0.28 14.91 -15.75
N ASN C 165 -0.54 13.81 -16.45
CA ASN C 165 0.51 13.15 -17.19
C ASN C 165 0.85 13.88 -18.50
N GLU C 166 1.34 15.11 -18.37
CA GLU C 166 2.03 15.77 -19.48
C GLU C 166 3.38 15.07 -19.60
N ALA C 167 4.42 15.78 -19.99
CA ALA C 167 5.71 15.09 -20.12
C ALA C 167 5.62 13.96 -21.14
N LEU C 168 4.84 12.93 -20.82
CA LEU C 168 4.65 11.78 -21.72
C LEU C 168 3.48 11.90 -22.70
N SER C 169 2.79 13.04 -22.68
CA SER C 169 1.59 13.21 -23.48
C SER C 169 1.85 13.76 -24.88
N GLU C 170 0.94 13.48 -25.81
CA GLU C 170 0.95 14.02 -27.17
C GLU C 170 -0.43 14.62 -27.57
N ASN C 171 -0.41 15.86 -28.06
CA ASN C 171 -1.63 16.70 -28.20
C ASN C 171 -2.54 16.61 -26.96
N GLY C 172 -3.54 15.74 -27.05
CA GLY C 172 -4.43 15.45 -25.93
C GLY C 172 -3.77 14.63 -24.82
N LEU C 173 -3.41 15.33 -23.76
CA LEU C 173 -2.72 14.72 -22.62
C LEU C 173 -3.58 13.68 -21.92
N LYS C 174 -4.83 13.59 -22.34
CA LYS C 174 -5.86 12.80 -21.64
C LYS C 174 -5.32 11.46 -21.12
N ALA C 175 -4.07 11.18 -21.52
CA ALA C 175 -3.30 10.02 -21.10
C ALA C 175 -3.06 10.02 -19.60
N ASP C 176 -3.76 9.15 -18.88
CA ASP C 176 -3.45 8.86 -17.48
C ASP C 176 -2.42 7.75 -17.47
N LYS C 177 -2.63 6.73 -18.30
CA LYS C 177 -1.67 5.66 -18.43
C LYS C 177 -1.09 5.62 -19.85
N THR C 178 0.15 5.15 -19.96
CA THR C 178 0.83 5.06 -21.25
C THR C 178 1.47 3.68 -21.42
N MET C 179 1.68 3.25 -22.67
CA MET C 179 2.44 2.03 -22.90
C MET C 179 3.91 2.34 -22.69
N ASN C 180 4.31 3.57 -23.02
CA ASN C 180 5.66 4.06 -22.72
C ASN C 180 6.17 3.70 -21.31
N ALA C 181 5.38 3.99 -20.28
CA ALA C 181 5.83 3.74 -18.93
C ALA C 181 5.93 2.24 -18.69
N ILE C 182 4.93 1.50 -19.15
CA ILE C 182 4.94 0.06 -18.98
C ILE C 182 6.21 -0.53 -19.60
N LEU C 183 6.48 -0.11 -20.83
CA LEU C 183 7.62 -0.54 -21.61
C LEU C 183 8.95 -0.30 -20.91
N HIS C 184 9.08 0.86 -20.28
CA HIS C 184 10.36 1.22 -19.69
C HIS C 184 10.53 0.65 -18.28
N LEU C 185 9.42 0.34 -17.63
CA LEU C 185 9.45 -0.50 -16.43
C LEU C 185 9.96 -1.91 -16.73
N ILE C 186 9.44 -2.52 -17.79
CA ILE C 186 9.91 -3.80 -18.29
C ILE C 186 11.42 -3.70 -18.57
N GLU C 187 11.79 -2.67 -19.29
CA GLU C 187 13.18 -2.48 -19.70
C GLU C 187 14.09 -2.41 -18.46
N ALA C 188 13.66 -1.63 -17.46
CA ALA C 188 14.42 -1.44 -16.23
C ALA C 188 14.39 -2.68 -15.33
N TYR C 189 13.20 -3.24 -15.10
CA TYR C 189 13.12 -4.41 -14.22
C TYR C 189 13.89 -5.59 -14.78
N THR C 190 14.04 -5.64 -16.11
CA THR C 190 14.85 -6.68 -16.75
C THR C 190 16.31 -6.58 -16.29
N GLU C 191 16.88 -5.38 -16.35
CA GLU C 191 18.28 -5.18 -15.96
C GLU C 191 18.51 -5.49 -14.48
N LEU C 192 17.60 -5.01 -13.63
CA LEU C 192 17.64 -5.29 -12.19
C LEU C 192 17.64 -6.79 -11.92
N TYR C 193 16.86 -7.54 -12.70
CA TYR C 193 16.82 -8.97 -12.54
C TYR C 193 18.05 -9.68 -13.15
N LYS C 194 18.55 -9.14 -14.26
CA LYS C 194 19.75 -9.73 -14.86
C LYS C 194 20.91 -9.65 -13.88
N ALA C 195 20.83 -8.70 -12.96
CA ALA C 195 21.96 -8.34 -12.11
C ALA C 195 21.90 -8.87 -10.69
N ASP C 196 20.82 -9.56 -10.31
CA ASP C 196 20.67 -9.96 -8.91
C ASP C 196 19.62 -11.04 -8.72
N GLY C 197 18.86 -11.32 -9.78
CA GLY C 197 17.90 -12.40 -9.79
C GLY C 197 16.88 -12.42 -8.66
N ASN C 198 16.48 -11.24 -8.20
CA ASN C 198 15.46 -11.18 -7.19
C ASN C 198 14.11 -11.65 -7.74
N GLU C 199 13.46 -12.57 -7.05
CA GLU C 199 12.23 -13.16 -7.57
C GLU C 199 11.00 -12.25 -7.39
N LYS C 200 11.16 -11.17 -6.63
CA LYS C 200 10.06 -10.24 -6.44
C LYS C 200 10.05 -9.19 -7.55
N VAL C 201 11.21 -8.96 -8.16
CA VAL C 201 11.33 -8.15 -9.34
C VAL C 201 10.77 -8.92 -10.52
N ALA C 202 11.12 -10.19 -10.60
CA ALA C 202 10.59 -11.05 -11.64
C ALA C 202 9.06 -10.97 -11.68
N ASP C 203 8.43 -11.09 -10.51
CA ASP C 203 6.97 -11.07 -10.39
C ASP C 203 6.34 -9.82 -11.01
N ARG C 204 6.87 -8.65 -10.66
CA ARG C 204 6.39 -7.40 -11.22
C ARG C 204 6.63 -7.37 -12.75
N LEU C 205 7.85 -7.72 -13.15
CA LEU C 205 8.22 -7.84 -14.55
C LEU C 205 7.18 -8.66 -15.35
N LYS C 206 6.85 -9.86 -14.86
CA LYS C 206 5.91 -10.73 -15.56
C LYS C 206 4.54 -10.07 -15.65
N PHE C 207 4.17 -9.33 -14.60
CA PHE C 207 2.93 -8.56 -14.60
C PHE C 207 2.91 -7.48 -15.69
N GLN C 208 4.04 -6.81 -15.89
CA GLN C 208 4.12 -5.75 -16.87
C GLN C 208 4.09 -6.32 -18.29
N LEU C 209 4.72 -7.48 -18.45
CA LEU C 209 4.68 -8.22 -19.71
C LEU C 209 3.24 -8.61 -20.02
N GLY C 210 2.53 -9.06 -18.99
CA GLY C 210 1.15 -9.47 -19.15
C GLY C 210 0.30 -8.29 -19.60
N GLN C 211 0.61 -7.10 -19.10
CA GLN C 211 -0.18 -5.94 -19.50
C GLN C 211 0.04 -5.62 -20.98
N MET C 212 1.29 -5.71 -21.44
CA MET C 212 1.57 -5.46 -22.85
C MET C 212 0.79 -6.45 -23.72
N ARG C 213 0.88 -7.74 -23.39
CA ARG C 213 0.25 -8.79 -24.18
C ARG C 213 -1.28 -8.77 -24.12
N ASP C 214 -1.85 -8.51 -22.95
CA ASP C 214 -3.29 -8.63 -22.75
C ASP C 214 -4.09 -7.34 -22.85
N ILE C 215 -3.40 -6.20 -22.92
CA ILE C 215 -4.14 -4.95 -22.95
C ILE C 215 -3.69 -4.03 -24.06
N VAL C 216 -2.37 -3.81 -24.16
CA VAL C 216 -1.86 -2.79 -25.07
C VAL C 216 -1.72 -3.34 -26.49
N TYR C 217 -1.48 -4.64 -26.58
CA TYR C 217 -1.43 -5.32 -27.86
C TYR C 217 -2.82 -5.45 -28.48
N THR C 218 -2.94 -4.98 -29.72
CA THR C 218 -4.17 -5.12 -30.48
C THR C 218 -4.03 -6.29 -31.46
N PRO C 219 -4.58 -7.46 -31.10
CA PRO C 219 -4.40 -8.70 -31.87
C PRO C 219 -4.73 -8.59 -33.35
N ASP C 220 -5.84 -7.94 -33.69
CA ASP C 220 -6.28 -7.92 -35.08
C ASP C 220 -5.66 -6.83 -35.97
N THR C 221 -4.73 -6.05 -35.43
CA THR C 221 -3.98 -5.09 -36.22
C THR C 221 -2.50 -5.35 -36.10
N ASN C 222 -2.14 -6.13 -35.08
CA ASN C 222 -0.76 -6.34 -34.65
C ASN C 222 -0.11 -5.04 -34.21
N ALA C 223 -0.90 -4.11 -33.70
CA ALA C 223 -0.38 -2.82 -33.25
C ALA C 223 -0.35 -2.70 -31.74
N LEU C 224 0.38 -1.72 -31.22
CA LEU C 224 0.34 -1.43 -29.80
C LEU C 224 -0.48 -0.16 -29.58
N LYS C 225 -1.40 -0.22 -28.63
CA LYS C 225 -2.15 0.96 -28.19
C LYS C 225 -1.19 1.87 -27.42
N VAL C 226 -1.41 3.18 -27.52
CA VAL C 226 -0.42 4.13 -27.02
C VAL C 226 -0.83 4.81 -25.73
N PHE C 227 -2.05 5.33 -25.67
CA PHE C 227 -2.54 6.09 -24.53
C PHE C 227 -3.83 5.51 -23.96
N PHE C 228 -3.95 5.55 -22.63
CA PHE C 228 -5.16 5.09 -21.96
C PHE C 228 -5.63 6.00 -20.82
N ASP C 229 -6.85 5.74 -20.36
CA ASP C 229 -7.41 6.40 -19.18
C ASP C 229 -7.31 5.42 -18.00
N THR C 230 -7.92 5.78 -16.87
CA THR C 230 -7.78 4.96 -15.67
C THR C 230 -8.47 3.60 -15.80
N ALA C 231 -9.30 3.46 -16.83
CA ALA C 231 -10.06 2.25 -17.05
C ALA C 231 -9.34 1.35 -18.06
N PHE C 232 -8.15 1.79 -18.44
CA PHE C 232 -7.37 1.16 -19.51
C PHE C 232 -8.15 1.09 -20.81
N ASN C 233 -8.98 2.10 -21.03
CA ASN C 233 -9.63 2.30 -22.31
C ASN C 233 -8.84 3.32 -23.11
N LEU C 234 -8.90 3.18 -24.43
CA LEU C 234 -8.01 3.87 -25.32
C LEU C 234 -8.32 5.35 -25.42
N VAL C 235 -7.28 6.17 -25.49
CA VAL C 235 -7.43 7.62 -25.63
C VAL C 235 -6.70 8.07 -26.88
N GLY C 236 -7.46 8.55 -27.86
CA GLY C 236 -6.88 8.94 -29.15
C GLY C 236 -6.67 7.76 -30.06
N ASP C 237 -5.99 8.01 -31.18
CA ASP C 237 -5.71 6.97 -32.17
C ASP C 237 -4.28 7.17 -32.69
N ILE C 238 -3.33 6.77 -31.87
CA ILE C 238 -1.93 6.94 -32.22
C ILE C 238 -1.33 5.56 -32.39
N HIS C 239 -0.55 5.43 -33.45
CA HIS C 239 0.29 4.27 -33.66
C HIS C 239 1.72 4.80 -33.74
N SER C 240 2.54 4.45 -32.74
CA SER C 240 3.90 4.92 -32.72
C SER C 240 4.81 3.80 -33.23
N TYR C 241 5.33 4.01 -34.43
CA TYR C 241 6.09 2.98 -35.11
C TYR C 241 7.37 2.62 -34.33
N GLY C 242 8.03 3.64 -33.79
CA GLY C 242 9.23 3.48 -32.99
C GLY C 242 9.02 2.66 -31.73
N HIS C 243 7.97 2.97 -30.95
CA HIS C 243 7.70 2.21 -29.73
C HIS C 243 7.37 0.75 -30.01
N ASP C 244 6.58 0.51 -31.06
CA ASP C 244 6.23 -0.84 -31.46
C ASP C 244 7.52 -1.66 -31.67
N ILE C 245 8.38 -1.20 -32.57
CA ILE C 245 9.55 -1.97 -32.95
C ILE C 245 10.51 -2.12 -31.78
N GLU C 246 10.65 -1.05 -31.00
CA GLU C 246 11.44 -1.08 -29.77
C GLU C 246 10.90 -2.13 -28.81
N ALA C 247 9.59 -2.16 -28.67
CA ALA C 247 8.95 -3.05 -27.72
C ALA C 247 9.17 -4.51 -28.09
N THR C 248 9.38 -4.78 -29.37
CA THR C 248 9.50 -6.18 -29.77
C THR C 248 10.76 -6.80 -29.19
N TRP C 249 11.86 -6.07 -29.23
CA TRP C 249 13.10 -6.66 -28.73
C TRP C 249 13.31 -6.56 -27.21
N LEU C 250 12.84 -5.47 -26.60
CA LEU C 250 12.83 -5.37 -25.15
C LEU C 250 12.03 -6.51 -24.53
N MET C 251 10.91 -6.87 -25.13
CA MET C 251 10.07 -7.92 -24.54
C MET C 251 10.67 -9.31 -24.73
N ASP C 252 11.43 -9.49 -25.80
CA ASP C 252 12.12 -10.75 -26.05
C ASP C 252 13.29 -10.85 -25.09
N ARG C 253 14.00 -9.73 -24.97
CA ARG C 253 15.08 -9.58 -23.98
C ARG C 253 14.63 -9.97 -22.57
N ALA C 254 13.46 -9.47 -22.16
CA ALA C 254 13.00 -9.72 -20.81
C ALA C 254 12.66 -11.19 -20.62
N CYS C 255 12.08 -11.82 -21.64
CA CYS C 255 11.77 -13.24 -21.55
C CYS C 255 13.03 -14.09 -21.53
N ASP C 256 14.05 -13.69 -22.28
CA ASP C 256 15.32 -14.41 -22.28
C ASP C 256 15.90 -14.41 -20.88
N VAL C 257 16.03 -13.20 -20.33
CA VAL C 257 16.54 -12.97 -18.99
C VAL C 257 15.77 -13.70 -17.89
N LEU C 258 14.51 -14.04 -18.15
CA LEU C 258 13.69 -14.74 -17.18
C LEU C 258 13.82 -16.26 -17.26
N GLY C 259 14.03 -16.77 -18.47
CA GLY C 259 14.18 -18.20 -18.68
C GLY C 259 12.88 -18.99 -18.89
N ASP C 260 11.75 -18.38 -18.56
CA ASP C 260 10.44 -19.05 -18.74
C ASP C 260 10.23 -19.39 -20.22
N GLU C 261 10.45 -20.64 -20.58
CA GLU C 261 10.41 -21.05 -21.99
C GLU C 261 9.03 -20.86 -22.61
N ASP C 262 7.99 -20.90 -21.78
CA ASP C 262 6.62 -20.64 -22.27
C ASP C 262 6.47 -19.20 -22.77
N LEU C 263 6.80 -18.24 -21.90
CA LEU C 263 6.81 -16.82 -22.26
C LEU C 263 7.68 -16.54 -23.48
N LYS C 264 8.92 -17.02 -23.48
CA LYS C 264 9.81 -16.79 -24.61
C LYS C 264 9.11 -17.14 -25.92
N LYS C 265 8.44 -18.28 -25.92
CA LYS C 265 7.77 -18.78 -27.09
C LYS C 265 6.62 -17.83 -27.42
N GLN C 266 5.81 -17.54 -26.40
CA GLN C 266 4.62 -16.73 -26.59
C GLN C 266 4.96 -15.32 -27.09
N PHE C 267 5.99 -14.73 -26.52
CA PHE C 267 6.38 -13.37 -26.89
C PHE C 267 7.15 -13.30 -28.20
N ALA C 268 7.93 -14.33 -28.48
CA ALA C 268 8.64 -14.39 -29.75
C ALA C 268 7.61 -14.36 -30.89
N GLU C 269 6.53 -15.12 -30.73
CA GLU C 269 5.44 -15.14 -31.71
C GLU C 269 4.79 -13.77 -31.84
N MET C 270 4.29 -13.25 -30.71
CA MET C 270 3.65 -11.93 -30.70
C MET C 270 4.59 -10.88 -31.30
N ASP C 271 5.80 -10.82 -30.77
CA ASP C 271 6.79 -9.86 -31.21
C ASP C 271 7.07 -9.94 -32.72
N LEU C 272 7.14 -11.15 -33.27
CA LEU C 272 7.35 -11.33 -34.71
C LEU C 272 6.20 -10.75 -35.53
N LYS C 273 4.97 -10.95 -35.06
CA LYS C 273 3.80 -10.40 -35.75
C LYS C 273 3.89 -8.88 -35.80
N ILE C 274 4.36 -8.30 -34.71
CA ILE C 274 4.49 -6.84 -34.60
C ILE C 274 5.60 -6.37 -35.51
N SER C 275 6.73 -7.08 -35.50
CA SER C 275 7.87 -6.67 -36.34
C SER C 275 7.52 -6.77 -37.82
N HIS C 276 6.91 -7.87 -38.24
CA HIS C 276 6.39 -7.97 -39.61
C HIS C 276 5.50 -6.78 -39.99
N ASN C 277 4.46 -6.53 -39.20
CA ASN C 277 3.56 -5.40 -39.40
C ASN C 277 4.32 -4.11 -39.60
N ILE C 278 5.24 -3.82 -38.68
CA ILE C 278 6.02 -2.59 -38.79
C ILE C 278 6.86 -2.58 -40.06
N GLN C 279 7.44 -3.72 -40.42
CA GLN C 279 8.19 -3.81 -41.67
C GLN C 279 7.28 -3.56 -42.89
N ASP C 280 6.05 -4.06 -42.83
CA ASP C 280 5.08 -3.85 -43.90
C ASP C 280 4.60 -2.39 -44.01
N ILE C 281 4.19 -1.79 -42.89
CA ILE C 281 3.43 -0.55 -42.98
C ILE C 281 4.18 0.75 -42.70
N ALA C 282 5.40 0.66 -42.18
CA ALA C 282 6.06 1.87 -41.67
C ALA C 282 7.41 2.12 -42.32
N LEU C 283 7.94 1.09 -42.97
CA LEU C 283 9.18 1.19 -43.72
C LEU C 283 8.90 1.75 -45.13
N GLU C 284 9.53 2.88 -45.42
CA GLU C 284 9.22 3.62 -46.64
C GLU C 284 10.47 4.33 -47.11
N ASP C 285 10.83 4.12 -48.37
CA ASP C 285 12.00 4.77 -48.94
C ASP C 285 13.28 4.42 -48.15
N GLY C 286 13.29 3.24 -47.54
CA GLY C 286 14.47 2.74 -46.88
C GLY C 286 14.57 3.07 -45.40
N ALA C 287 13.75 3.99 -44.92
CA ALA C 287 13.76 4.41 -43.52
C ALA C 287 12.40 4.20 -42.84
N LEU C 288 12.40 4.24 -41.51
CA LEU C 288 11.16 4.09 -40.73
C LEU C 288 10.45 5.42 -40.56
N ASN C 289 9.14 5.41 -40.79
CA ASN C 289 8.30 6.56 -40.53
C ASN C 289 8.07 6.70 -39.03
N ASN C 290 7.55 7.85 -38.62
CA ASN C 290 7.39 8.16 -37.21
C ASN C 290 6.13 7.55 -36.56
N GLU C 291 4.96 7.94 -37.05
CA GLU C 291 3.71 7.50 -36.45
C GLU C 291 2.49 7.73 -37.33
N ARG C 292 1.42 7.03 -37.02
CA ARG C 292 0.10 7.39 -37.51
C ARG C 292 -0.69 8.06 -36.38
N ASP C 293 -1.39 9.13 -36.71
CA ASP C 293 -2.30 9.83 -35.79
C ASP C 293 -3.62 10.04 -36.51
N LYS C 294 -4.60 9.20 -36.15
CA LYS C 294 -5.87 9.17 -36.89
C LYS C 294 -5.65 9.04 -38.40
N ASN C 295 -6.08 10.03 -39.15
CA ASN C 295 -5.98 9.98 -40.61
C ASN C 295 -4.64 10.39 -41.20
N GLU C 296 -3.64 10.59 -40.36
CA GLU C 296 -2.43 11.29 -40.79
C GLU C 296 -1.14 10.56 -40.47
N ILE C 297 -0.31 10.39 -41.48
CA ILE C 297 1.01 9.78 -41.27
C ILE C 297 2.04 10.87 -41.08
N ASP C 298 2.82 10.74 -40.02
CA ASP C 298 4.01 11.56 -39.87
C ASP C 298 5.20 10.78 -40.43
N LYS C 299 5.81 11.31 -41.49
CA LYS C 299 6.87 10.56 -42.17
C LYS C 299 8.24 11.08 -41.75
N THR C 300 8.24 12.01 -40.80
CA THR C 300 9.46 12.51 -40.17
C THR C 300 10.41 11.42 -39.68
N ARG C 301 11.68 11.58 -40.01
CA ARG C 301 12.70 10.63 -39.58
C ARG C 301 13.25 11.04 -38.21
N VAL C 302 12.83 10.30 -37.18
CA VAL C 302 13.27 10.59 -35.82
C VAL C 302 14.44 9.65 -35.46
N TRP C 303 15.53 10.25 -34.98
CA TRP C 303 16.76 9.50 -34.74
C TRP C 303 16.55 8.24 -33.92
N TRP C 304 15.89 8.35 -32.78
CA TRP C 304 15.72 7.17 -31.93
C TRP C 304 14.87 6.08 -32.60
N VAL C 305 13.92 6.49 -33.45
CA VAL C 305 13.07 5.53 -34.15
C VAL C 305 13.89 4.72 -35.14
N GLN C 306 14.79 5.39 -35.84
CA GLN C 306 15.71 4.70 -36.73
C GLN C 306 16.57 3.71 -35.96
N ALA C 307 17.21 4.18 -34.89
CA ALA C 307 18.05 3.31 -34.07
C ALA C 307 17.33 2.05 -33.59
N GLU C 308 16.12 2.20 -33.05
CA GLU C 308 15.37 1.04 -32.57
C GLU C 308 14.92 0.11 -33.71
N ALA C 309 14.66 0.69 -34.89
CA ALA C 309 14.29 -0.14 -36.05
C ALA C 309 15.40 -1.15 -36.37
N VAL C 310 16.64 -0.68 -36.44
CA VAL C 310 17.77 -1.58 -36.67
C VAL C 310 17.83 -2.73 -35.67
N VAL C 311 17.74 -2.41 -34.37
CA VAL C 311 17.78 -3.48 -33.37
C VAL C 311 16.57 -4.40 -33.51
N GLY C 312 15.39 -3.79 -33.60
CA GLY C 312 14.15 -4.55 -33.72
C GLY C 312 14.17 -5.50 -34.90
N PHE C 313 14.71 -5.03 -36.03
CA PHE C 313 14.76 -5.84 -37.25
C PHE C 313 15.75 -7.00 -37.15
N ILE C 314 16.98 -6.71 -36.74
CA ILE C 314 17.93 -7.77 -36.49
C ILE C 314 17.37 -8.78 -35.47
N ASN C 315 16.69 -8.28 -34.43
CA ASN C 315 16.12 -9.19 -33.44
C ASN C 315 15.04 -10.07 -34.02
N ALA C 316 14.23 -9.48 -34.91
CA ALA C 316 13.20 -10.24 -35.63
C ALA C 316 13.86 -11.33 -36.47
N TYR C 317 14.92 -10.97 -37.21
CA TYR C 317 15.71 -11.97 -37.94
C TYR C 317 16.19 -13.11 -37.03
N GLN C 318 16.83 -12.77 -35.92
CA GLN C 318 17.32 -13.79 -34.98
C GLN C 318 16.22 -14.70 -34.43
N HIS C 319 14.97 -14.26 -34.55
CA HIS C 319 13.85 -15.05 -34.05
C HIS C 319 13.08 -15.79 -35.14
N SER C 320 13.30 -15.43 -36.40
CA SER C 320 12.56 -16.06 -37.53
C SER C 320 13.46 -16.71 -38.59
N GLY C 321 14.64 -16.14 -38.82
CA GLY C 321 15.49 -16.60 -39.89
C GLY C 321 15.02 -16.08 -41.23
N ASP C 322 13.90 -15.36 -41.23
CA ASP C 322 13.46 -14.61 -42.41
C ASP C 322 14.46 -13.48 -42.69
N GLU C 323 14.85 -13.33 -43.95
CA GLU C 323 16.00 -12.51 -44.24
C GLU C 323 15.70 -11.10 -44.70
N LYS C 324 14.45 -10.78 -45.00
CA LYS C 324 14.16 -9.39 -45.35
C LYS C 324 14.35 -8.48 -44.12
N PHE C 325 14.13 -9.05 -42.93
CA PHE C 325 14.39 -8.35 -41.68
C PHE C 325 15.81 -7.82 -41.65
N LEU C 326 16.74 -8.74 -41.87
CA LEU C 326 18.15 -8.41 -42.01
C LEU C 326 18.31 -7.32 -43.08
N GLU C 327 17.61 -7.47 -44.21
CA GLU C 327 17.72 -6.51 -45.29
C GLU C 327 17.19 -5.13 -44.88
N SER C 328 16.02 -5.13 -44.24
CA SER C 328 15.41 -3.91 -43.75
C SER C 328 16.33 -3.26 -42.73
N ALA C 329 16.97 -4.08 -41.92
CA ALA C 329 17.96 -3.59 -40.95
C ALA C 329 19.04 -2.77 -41.67
N LYS C 330 19.64 -3.36 -42.70
CA LYS C 330 20.71 -2.71 -43.45
C LYS C 330 20.29 -1.35 -44.02
N SER C 331 19.14 -1.31 -44.69
CA SER C 331 18.73 -0.08 -45.37
C SER C 331 18.49 1.08 -44.39
N VAL C 332 17.83 0.77 -43.27
CA VAL C 332 17.62 1.75 -42.21
C VAL C 332 18.95 2.37 -41.77
N TRP C 333 19.95 1.51 -41.56
CA TRP C 333 21.27 1.97 -41.16
C TRP C 333 21.91 2.88 -42.21
N GLU C 334 21.88 2.44 -43.48
CA GLU C 334 22.42 3.22 -44.60
C GLU C 334 21.78 4.61 -44.65
N ASN C 335 20.47 4.64 -44.38
CA ASN C 335 19.75 5.90 -44.30
C ASN C 335 20.09 6.72 -43.07
N ILE C 336 20.45 6.04 -41.98
CA ILE C 336 20.95 6.75 -40.81
C ILE C 336 22.27 7.42 -41.18
N LYS C 337 23.15 6.64 -41.80
CA LYS C 337 24.43 7.15 -42.33
C LYS C 337 24.28 8.36 -43.23
N GLU C 338 23.53 8.21 -44.33
CA GLU C 338 23.25 9.29 -45.27
C GLU C 338 22.68 10.57 -44.65
N TYR C 339 21.53 10.44 -44.01
CA TYR C 339 20.71 11.60 -43.62
C TYR C 339 20.67 11.95 -42.12
N ILE C 340 20.86 10.95 -41.26
CA ILE C 340 20.72 11.17 -39.82
C ILE C 340 22.01 11.59 -39.09
N ILE C 341 23.12 10.89 -39.37
CA ILE C 341 24.39 11.19 -38.72
C ILE C 341 24.91 12.56 -39.17
N ASP C 342 25.07 13.47 -38.22
CA ASP C 342 25.52 14.85 -38.50
C ASP C 342 26.97 14.84 -38.98
N LYS C 343 27.22 15.49 -40.12
CA LYS C 343 28.56 15.56 -40.71
C LYS C 343 29.39 16.74 -40.21
N ARG C 344 28.74 17.72 -39.61
CA ARG C 344 29.46 18.88 -39.06
C ARG C 344 30.50 18.52 -37.98
N GLU C 345 31.47 19.41 -37.82
CA GLU C 345 32.36 19.41 -36.68
C GLU C 345 31.76 20.38 -35.67
N GLY C 346 31.27 19.88 -34.55
CA GLY C 346 31.23 18.45 -34.27
C GLY C 346 29.89 18.12 -33.62
N GLY C 347 29.03 17.45 -34.40
CA GLY C 347 27.74 16.99 -33.93
C GLY C 347 27.72 15.48 -33.87
N GLU C 348 26.57 14.90 -33.52
CA GLU C 348 26.41 13.45 -33.54
C GLU C 348 25.31 13.05 -34.53
N TRP C 349 24.10 12.80 -34.03
CA TRP C 349 22.96 12.57 -34.91
C TRP C 349 22.03 13.80 -34.85
N TYR C 350 21.42 14.12 -35.99
CA TYR C 350 20.36 15.11 -35.98
C TYR C 350 19.19 14.45 -35.30
N SER C 351 18.39 15.26 -34.61
CA SER C 351 17.21 14.75 -33.91
C SER C 351 16.12 14.24 -34.87
N GLU C 352 15.77 15.10 -35.83
CA GLU C 352 14.67 14.88 -36.77
C GLU C 352 15.07 15.36 -38.18
N VAL C 353 14.91 14.47 -39.15
CA VAL C 353 15.11 14.81 -40.57
C VAL C 353 13.88 14.49 -41.40
N THR C 354 13.54 15.38 -42.33
CA THR C 354 12.31 15.21 -43.11
C THR C 354 12.40 14.02 -44.03
N PHE C 355 11.27 13.69 -44.67
CA PHE C 355 11.22 12.69 -45.72
C PHE C 355 12.12 13.12 -46.89
N ASP C 356 12.14 14.43 -47.14
CA ASP C 356 12.97 15.04 -48.19
C ASP C 356 14.32 15.50 -47.63
N HIS C 357 14.71 14.89 -46.52
CA HIS C 357 16.10 14.88 -46.06
C HIS C 357 16.64 16.18 -45.45
N THR C 358 15.75 17.11 -45.13
CA THR C 358 16.21 18.32 -44.47
C THR C 358 16.07 18.19 -42.92
N PRO C 359 17.20 18.37 -42.20
CA PRO C 359 17.18 18.41 -40.74
C PRO C 359 16.24 19.47 -40.22
N HIS C 360 15.56 19.18 -39.11
CA HIS C 360 14.74 20.17 -38.43
C HIS C 360 15.62 21.06 -37.55
N ASP C 361 15.78 22.33 -37.95
CA ASP C 361 16.75 23.20 -37.28
C ASP C 361 16.27 23.77 -35.95
N TYR C 362 15.15 23.25 -35.47
CA TYR C 362 14.65 23.66 -34.16
C TYR C 362 14.75 22.52 -33.16
N LYS C 363 15.42 21.44 -33.54
CA LYS C 363 15.60 20.31 -32.64
C LYS C 363 17.03 20.26 -32.11
N GLU C 364 17.15 20.31 -30.78
CA GLU C 364 18.43 20.32 -30.09
C GLU C 364 19.25 19.08 -30.36
N THR C 365 20.56 19.25 -30.29
CA THR C 365 21.46 18.12 -30.43
C THR C 365 21.54 17.34 -29.11
N VAL C 366 21.55 18.07 -28.00
CA VAL C 366 21.51 17.46 -26.67
C VAL C 366 20.49 18.19 -25.80
N GLY C 367 19.73 17.42 -25.02
CA GLY C 367 18.72 17.98 -24.14
C GLY C 367 18.14 16.95 -23.19
N PRO C 368 17.06 17.31 -22.50
CA PRO C 368 16.37 16.40 -21.59
C PRO C 368 15.87 15.13 -22.28
N TRP C 369 15.64 15.21 -23.59
CA TRP C 369 15.10 14.08 -24.33
C TRP C 369 16.06 13.55 -25.39
N LYS C 370 17.23 14.16 -25.50
CA LYS C 370 18.23 13.75 -26.50
C LYS C 370 19.49 13.20 -25.85
N CYS C 371 19.60 11.88 -25.88
CA CYS C 371 20.55 11.13 -25.06
C CYS C 371 21.56 10.42 -25.98
N PRO C 372 22.62 9.85 -25.39
CA PRO C 372 23.40 8.85 -26.13
C PRO C 372 22.82 7.44 -26.00
N TYR C 373 21.60 7.33 -25.50
CA TYR C 373 21.06 6.02 -25.10
C TYR C 373 20.49 5.14 -26.23
N HIS C 374 19.58 5.68 -27.04
CA HIS C 374 19.00 4.92 -28.14
C HIS C 374 20.05 4.55 -29.20
N ASN C 375 20.75 5.55 -29.70
CA ASN C 375 21.77 5.30 -30.72
C ASN C 375 22.94 4.49 -30.15
N GLY C 376 23.50 4.96 -29.04
CA GLY C 376 24.51 4.20 -28.31
C GLY C 376 24.10 2.76 -28.08
N ARG C 377 22.88 2.53 -27.60
CA ARG C 377 22.45 1.16 -27.32
C ARG C 377 22.37 0.34 -28.60
N MET C 378 22.03 1.02 -29.69
CA MET C 378 21.86 0.35 -30.97
C MET C 378 23.20 -0.22 -31.47
N CYS C 379 24.23 0.63 -31.48
CA CYS C 379 25.58 0.16 -31.76
C CYS C 379 25.91 -1.08 -30.93
N MET C 380 25.87 -0.95 -29.61
CA MET C 380 26.23 -2.06 -28.73
C MET C 380 25.40 -3.33 -28.95
N GLU C 381 24.16 -3.18 -29.41
CA GLU C 381 23.30 -4.35 -29.59
C GLU C 381 23.64 -5.05 -30.89
N VAL C 382 24.05 -4.27 -31.89
CA VAL C 382 24.55 -4.82 -33.15
C VAL C 382 25.85 -5.64 -32.90
N ILE C 383 26.79 -5.01 -32.21
CA ILE C 383 28.03 -5.67 -31.81
C ILE C 383 27.80 -6.95 -31.00
N THR C 384 26.88 -6.91 -30.07
CA THR C 384 26.71 -8.02 -29.14
C THR C 384 25.98 -9.19 -29.78
N ARG C 385 25.02 -8.86 -30.66
CA ARG C 385 24.23 -9.88 -31.32
C ARG C 385 25.08 -10.62 -32.35
N GLY C 386 26.01 -9.89 -32.97
CA GLY C 386 26.94 -10.48 -33.91
C GLY C 386 26.38 -11.01 -35.23
N VAL C 387 25.34 -10.37 -35.75
CA VAL C 387 24.91 -10.69 -37.12
C VAL C 387 25.21 -9.51 -38.03
N ASP C 388 25.94 -9.81 -39.11
CA ASP C 388 26.52 -8.76 -39.95
C ASP C 388 25.89 -8.73 -41.32
N ILE C 389 26.12 -7.63 -42.04
CA ILE C 389 25.63 -7.50 -43.40
C ILE C 389 26.04 -6.15 -44.01
#